data_6B7Q
#
_entry.id   6B7Q
#
_cell.length_a   69.806
_cell.length_b   80.616
_cell.length_c   85.612
_cell.angle_alpha   90.00
_cell.angle_beta   109.87
_cell.angle_gamma   90.00
#
_symmetry.space_group_name_H-M   'P 1 21 1'
#
loop_
_entity.id
_entity.type
_entity.pdbx_description
1 polymer SdeA
2 non-polymer 'MERCURY (II) ION'
3 water water
#
_entity_poly.entity_id   1
_entity_poly.type   'polypeptide(L)'
_entity_poly.pdbx_seq_one_letter_code
;GKDTSPKEMSVKPTAPQDKSVPVWNGFSLYTDDTVKAAAQYAYDNYLGKPYTGSVESAPANFGGRMVYRQHHGLSHTLRT
MAYAELIVEEARKAKLRGETLGKFKDGRTIADVTPQELKKIMIAQAFFVAGRDDEASDAKNYQKYHEQSRDAFLKYVKDN
ESTLLPDVFKDQEDVNFYARVIEDKSHDWESTPAHVLINQGHMVDLVRVKQPPESFLQRYFSSMQRWIGSQATEAVFGIQ
RQFFHATYEVVAGFDSDNKEPHLVVSGLGRYVIGEDGQPIREAPKKGQKEGDLKVFPQTYKLKENERLMRVDEFLKLPEI
QNTFPGSGKHLQGGMPGMNEMDYWNRLNSLNRARCENDVDFCLKQLQTAHDKAKIEPIKQAFQSSKGKERRQPNVDEIAA
ARIIQQILANPDCIHDDHVLINGQKLEQQFFRDLLAKCEMAVVGSLLNDTDIGNIDTLMRHEKDTEFHSTNPEAVPVKIG
EYWINDQRINNSSGNITQKKHDLIFLMQNDAWYFSRVNAIAQNRDKGSTFKEVLITTLMTPLTSKALVDTSQAKPPTRLF
RGLNLSEEFTKGLIDQANAMIANTTERLFTDHSPEAFKQIKLNDLSKMSGRTNASTTTEIKLVKETWDSNVIFEMLDPDG
LLHSKQVGRHGEGTESEFSVYLPEDVALVPVKVTLDGKTQKGENRYVFTFVAVKSPDFTPRHESG
;
_entity_poly.pdbx_strand_id   A
#
# COMPACT_ATOMS: atom_id res chain seq x y z
N GLN A 17 -10.22 6.67 34.64
CA GLN A 17 -9.32 6.27 33.52
C GLN A 17 -8.49 7.46 33.05
N ASP A 18 -7.20 7.22 32.79
CA ASP A 18 -6.32 8.18 32.13
C ASP A 18 -6.03 7.70 30.70
N LYS A 19 -6.35 8.55 29.74
CA LYS A 19 -6.23 8.25 28.34
C LYS A 19 -5.00 8.92 27.82
N SER A 20 -3.94 8.96 28.61
CA SER A 20 -2.76 9.73 28.19
C SER A 20 -1.94 8.73 27.42
N VAL A 21 -1.17 9.21 26.44
CA VAL A 21 -0.26 8.38 25.81
C VAL A 21 0.94 9.28 25.56
N PRO A 22 2.13 8.80 25.82
CA PRO A 22 3.25 9.65 25.50
C PRO A 22 3.56 9.75 24.01
N VAL A 23 4.26 10.81 23.68
CA VAL A 23 4.50 11.19 22.35
C VAL A 23 5.58 10.30 21.75
N TRP A 24 5.29 9.76 20.58
CA TRP A 24 6.24 8.92 19.93
C TRP A 24 7.48 9.74 19.53
N ASN A 25 8.63 9.08 19.38
CA ASN A 25 9.87 9.82 19.10
C ASN A 25 10.29 9.59 17.67
N GLY A 26 9.39 9.19 16.81
CA GLY A 26 9.80 8.95 15.42
C GLY A 26 10.29 7.53 15.13
N PHE A 27 10.47 6.69 16.15
CA PHE A 27 10.90 5.31 15.89
C PHE A 27 9.97 4.53 14.95
N SER A 28 10.56 3.84 14.00
CA SER A 28 9.82 2.95 13.12
C SER A 28 10.69 1.84 12.59
N LEU A 29 10.05 0.69 12.36
CA LEU A 29 10.74 -0.44 11.71
C LEU A 29 11.26 -0.08 10.41
N TYR A 30 10.54 0.76 9.70
CA TYR A 30 10.87 1.05 8.32
C TYR A 30 12.01 2.00 8.13
N THR A 31 12.33 2.81 9.13
CA THR A 31 13.38 3.79 9.03
C THR A 31 14.54 3.63 10.01
N ASP A 32 14.42 2.81 11.04
CA ASP A 32 15.54 2.61 11.97
C ASP A 32 16.68 1.77 11.40
N ASP A 33 17.90 2.26 11.48
CA ASP A 33 19.01 1.56 10.85
C ASP A 33 19.52 0.38 11.64
N THR A 34 19.36 0.47 12.97
CA THR A 34 19.80 -0.61 13.82
C THR A 34 18.98 -1.91 13.56
N VAL A 35 17.67 -1.74 13.49
CA VAL A 35 16.72 -2.85 13.34
C VAL A 35 16.96 -3.47 11.98
N LYS A 36 17.00 -2.62 10.99
CA LYS A 36 17.28 -3.04 9.61
C LYS A 36 18.54 -3.87 9.56
N ALA A 37 19.55 -3.42 10.27
CA ALA A 37 20.81 -4.12 10.25
C ALA A 37 20.75 -5.43 11.00
N ALA A 38 19.84 -5.50 11.96
CA ALA A 38 19.67 -6.69 12.73
C ALA A 38 19.02 -7.72 11.85
N ALA A 39 17.94 -7.35 11.15
CA ALA A 39 17.31 -8.25 10.11
C ALA A 39 18.27 -8.65 9.03
N GLN A 40 19.17 -7.76 8.65
CA GLN A 40 20.07 -8.05 7.54
C GLN A 40 21.03 -9.13 7.98
N TYR A 41 21.54 -9.02 9.20
CA TYR A 41 22.43 -10.05 9.76
C TYR A 41 21.74 -11.34 9.99
N ALA A 42 20.48 -11.26 10.38
CA ALA A 42 19.67 -12.46 10.58
C ALA A 42 19.54 -13.17 9.21
N TYR A 43 19.27 -12.38 8.20
CA TYR A 43 19.17 -12.96 6.84
C TYR A 43 20.49 -13.59 6.38
N ASP A 44 21.54 -12.80 6.40
CA ASP A 44 22.82 -13.22 5.86
C ASP A 44 23.31 -14.44 6.60
N ASN A 45 23.08 -14.48 7.90
CA ASN A 45 23.69 -15.56 8.68
C ASN A 45 22.78 -16.77 8.93
N TYR A 46 21.48 -16.63 8.69
CA TYR A 46 20.52 -17.67 9.10
C TYR A 46 19.38 -17.85 8.14
N LEU A 47 18.54 -16.83 8.03
CA LEU A 47 17.27 -17.00 7.37
C LEU A 47 17.38 -17.26 5.87
N GLY A 48 18.50 -16.88 5.23
CA GLY A 48 18.66 -17.02 3.79
C GLY A 48 19.42 -18.29 3.45
N LYS A 49 19.87 -19.00 4.47
CA LYS A 49 20.58 -20.24 4.31
C LYS A 49 19.68 -21.43 4.16
N PRO A 50 20.09 -22.37 3.30
CA PRO A 50 19.28 -23.56 3.25
C PRO A 50 19.13 -24.22 4.62
N TYR A 51 17.96 -24.73 4.89
CA TYR A 51 17.78 -25.60 6.02
C TYR A 51 18.70 -26.80 5.87
N THR A 52 19.25 -27.27 6.96
CA THR A 52 20.07 -28.44 6.94
C THR A 52 19.34 -29.67 7.45
N GLY A 53 18.17 -29.52 8.09
CA GLY A 53 17.40 -30.68 8.50
C GLY A 53 16.43 -31.16 7.43
N SER A 54 15.77 -32.29 7.68
CA SER A 54 14.99 -32.94 6.64
C SER A 54 13.50 -32.63 6.66
N VAL A 55 13.00 -32.01 7.69
CA VAL A 55 11.55 -31.93 7.78
C VAL A 55 10.94 -30.80 6.96
N GLU A 56 10.33 -31.18 5.84
CA GLU A 56 9.53 -30.25 5.05
C GLU A 56 10.32 -28.98 4.72
N SER A 57 11.51 -29.19 4.18
CA SER A 57 12.55 -28.18 4.18
C SER A 57 13.08 -27.93 2.80
N ALA A 58 12.31 -28.29 1.79
CA ALA A 58 12.80 -28.18 0.44
C ALA A 58 12.78 -26.70 0.08
N PRO A 59 13.75 -26.20 -0.66
CA PRO A 59 13.58 -24.80 -1.06
C PRO A 59 12.43 -24.64 -2.05
N ALA A 60 11.76 -23.50 -2.09
CA ALA A 60 10.66 -23.31 -3.06
C ALA A 60 11.06 -22.34 -4.14
N ASN A 61 10.51 -22.50 -5.33
CA ASN A 61 10.89 -21.68 -6.44
C ASN A 61 9.82 -20.66 -6.77
N PHE A 62 10.13 -19.36 -6.76
CA PHE A 62 9.12 -18.33 -7.09
C PHE A 62 9.61 -17.53 -8.26
N GLY A 63 8.88 -17.61 -9.38
CA GLY A 63 9.25 -16.99 -10.68
C GLY A 63 10.67 -17.30 -11.12
N GLY A 64 11.22 -18.41 -10.64
CA GLY A 64 12.55 -18.82 -11.02
C GLY A 64 13.69 -18.60 -10.05
N ARG A 65 13.40 -18.08 -8.85
CA ARG A 65 14.44 -17.78 -7.86
C ARG A 65 14.04 -18.50 -6.61
N MET A 66 15.03 -19.00 -5.89
CA MET A 66 14.81 -19.86 -4.79
C MET A 66 14.52 -19.05 -3.51
N VAL A 67 13.54 -19.54 -2.75
CA VAL A 67 13.26 -19.11 -1.38
C VAL A 67 13.50 -20.35 -0.51
N TYR A 68 14.59 -20.34 0.25
CA TYR A 68 15.04 -21.50 1.03
C TYR A 68 14.20 -21.75 2.29
N ARG A 69 13.59 -20.69 2.84
CA ARG A 69 12.72 -20.81 4.01
C ARG A 69 11.42 -20.07 3.82
N GLN A 70 10.49 -20.71 3.14
CA GLN A 70 9.26 -20.03 2.76
C GLN A 70 8.23 -19.85 3.86
N HIS A 71 8.36 -20.58 4.97
CA HIS A 71 7.44 -20.46 6.12
C HIS A 71 7.95 -19.58 7.21
N HIS A 72 9.22 -19.75 7.54
CA HIS A 72 9.89 -19.06 8.61
C HIS A 72 11.12 -18.38 8.13
N GLY A 73 10.91 -17.62 7.07
CA GLY A 73 11.95 -16.87 6.45
C GLY A 73 11.96 -15.40 6.75
N LEU A 74 12.57 -14.67 5.83
CA LEU A 74 12.76 -13.25 6.01
C LEU A 74 11.44 -12.53 6.00
N SER A 75 10.58 -12.84 5.05
CA SER A 75 9.35 -12.09 4.96
C SER A 75 8.45 -12.30 6.21
N HIS A 76 8.43 -13.55 6.68
CA HIS A 76 7.71 -13.90 7.88
C HIS A 76 8.21 -13.07 9.07
N THR A 77 9.54 -13.08 9.22
CA THR A 77 10.20 -12.41 10.28
C THR A 77 9.90 -10.91 10.29
N LEU A 78 10.02 -10.31 9.12
CA LEU A 78 9.75 -8.90 8.99
C LEU A 78 8.31 -8.57 9.19
N ARG A 79 7.42 -9.45 8.76
CA ARG A 79 6.01 -9.27 9.04
C ARG A 79 5.74 -9.27 10.56
N THR A 80 6.45 -10.10 11.32
CA THR A 80 6.20 -10.17 12.75
C THR A 80 6.58 -8.88 13.42
N MET A 81 7.61 -8.24 12.88
CA MET A 81 8.11 -6.93 13.32
C MET A 81 7.17 -5.78 12.92
N ALA A 82 6.72 -5.75 11.66
CA ALA A 82 5.63 -4.87 11.30
C ALA A 82 4.35 -5.08 12.17
N TYR A 83 4.06 -6.29 12.58
CA TYR A 83 2.88 -6.50 13.46
C TYR A 83 3.07 -5.89 14.83
N ALA A 84 4.30 -5.91 15.34
CA ALA A 84 4.54 -5.29 16.63
C ALA A 84 4.27 -3.76 16.55
N GLU A 85 4.72 -3.16 15.47
CA GLU A 85 4.56 -1.70 15.29
C GLU A 85 3.09 -1.44 15.15
N LEU A 86 2.39 -2.30 14.42
CA LEU A 86 0.96 -2.08 14.18
C LEU A 86 0.10 -2.33 15.47
N ILE A 87 0.49 -3.31 16.27
CA ILE A 87 -0.24 -3.61 17.48
C ILE A 87 -0.08 -2.43 18.46
N VAL A 88 1.16 -2.03 18.68
CA VAL A 88 1.38 -0.92 19.61
C VAL A 88 0.61 0.35 19.16
N GLU A 89 0.62 0.60 17.85
CA GLU A 89 -0.10 1.70 17.26
C GLU A 89 -1.62 1.63 17.48
N GLU A 90 -2.22 0.44 17.37
CA GLU A 90 -3.65 0.36 17.51
C GLU A 90 -4.07 0.33 18.99
N ALA A 91 -3.15 -0.08 19.88
CA ALA A 91 -3.35 -0.10 21.33
C ALA A 91 -3.35 1.30 21.90
N ARG A 92 -2.31 2.07 21.54
CA ARG A 92 -2.25 3.50 21.84
C ARG A 92 -3.57 4.15 21.41
N LYS A 93 -4.00 3.91 20.17
CA LYS A 93 -5.26 4.49 19.70
C LYS A 93 -6.47 4.11 20.54
N ALA A 94 -6.51 2.86 20.95
CA ALA A 94 -7.58 2.39 21.82
C ALA A 94 -7.55 3.04 23.19
N LYS A 95 -6.37 3.20 23.74
CA LYS A 95 -6.31 3.91 24.97
C LYS A 95 -6.82 5.35 24.80
N LEU A 96 -6.43 6.01 23.70
CA LEU A 96 -6.85 7.36 23.41
C LEU A 96 -8.32 7.46 23.20
N ARG A 97 -8.97 6.46 22.65
CA ARG A 97 -10.42 6.51 22.56
C ARG A 97 -11.09 6.24 23.90
N GLY A 98 -10.30 5.94 24.94
CA GLY A 98 -10.85 5.72 26.26
C GLY A 98 -11.17 4.30 26.63
N GLU A 99 -10.67 3.34 25.87
CA GLU A 99 -10.97 1.96 26.15
C GLU A 99 -10.05 1.44 27.24
N THR A 100 -10.44 0.32 27.82
CA THR A 100 -9.68 -0.29 28.90
C THR A 100 -9.05 -1.54 28.32
N LEU A 101 -7.73 -1.56 28.29
CA LEU A 101 -7.00 -2.59 27.63
C LEU A 101 -6.65 -3.62 28.67
N GLY A 102 -6.23 -4.80 28.26
CA GLY A 102 -5.71 -5.74 29.22
C GLY A 102 -4.42 -5.27 29.85
N LYS A 103 -4.21 -5.64 31.11
CA LYS A 103 -3.06 -5.17 31.86
C LYS A 103 -2.07 -6.23 32.09
N PHE A 104 -0.79 -5.92 32.11
CA PHE A 104 0.16 -6.86 32.67
C PHE A 104 0.24 -6.76 34.21
N LYS A 105 1.03 -7.62 34.82
CA LYS A 105 1.07 -7.72 36.27
C LYS A 105 1.49 -6.39 36.90
N ASP A 106 2.34 -5.65 36.18
CA ASP A 106 2.81 -4.36 36.66
C ASP A 106 1.84 -3.21 36.40
N GLY A 107 0.63 -3.52 35.94
CA GLY A 107 -0.37 -2.48 35.68
C GLY A 107 -0.24 -1.83 34.31
N ARG A 108 0.86 -2.07 33.62
CA ARG A 108 0.99 -1.51 32.28
C ARG A 108 0.08 -2.20 31.29
N THR A 109 -0.14 -1.52 30.18
CA THR A 109 -0.81 -2.13 29.03
C THR A 109 0.14 -1.94 27.85
N ILE A 110 -0.21 -2.59 26.75
CA ILE A 110 0.52 -2.46 25.50
C ILE A 110 0.58 -1.03 24.99
N ALA A 111 -0.45 -0.23 25.21
CA ALA A 111 -0.37 1.22 24.94
C ALA A 111 0.72 1.92 25.68
N ASP A 112 1.33 1.30 26.68
CA ASP A 112 2.36 1.97 27.42
C ASP A 112 3.72 1.59 26.87
N VAL A 113 3.82 0.70 25.88
CA VAL A 113 5.20 0.42 25.42
C VAL A 113 5.92 1.66 24.76
N THR A 114 7.16 1.87 25.18
CA THR A 114 7.96 2.96 24.68
C THR A 114 8.71 2.56 23.39
N PRO A 115 9.16 3.53 22.59
CA PRO A 115 9.94 3.27 21.40
C PRO A 115 11.22 2.54 21.72
N GLN A 116 11.76 2.79 22.90
CA GLN A 116 13.05 2.23 23.27
C GLN A 116 12.75 0.78 23.54
N GLU A 117 11.63 0.52 24.17
CA GLU A 117 11.26 -0.91 24.32
C GLU A 117 10.97 -1.64 23.01
N LEU A 118 10.16 -1.04 22.17
CA LEU A 118 9.72 -1.68 20.96
C LEU A 118 10.89 -2.01 20.05
N LYS A 119 11.94 -1.23 20.15
CA LYS A 119 13.12 -1.42 19.33
C LYS A 119 13.87 -2.62 19.80
N LYS A 120 13.99 -2.80 21.12
CA LYS A 120 14.59 -4.04 21.63
C LYS A 120 13.77 -5.24 21.18
N ILE A 121 12.46 -5.10 21.26
CA ILE A 121 11.60 -6.21 20.86
C ILE A 121 11.84 -6.59 19.39
N MET A 122 11.86 -5.57 18.50
CA MET A 122 12.02 -5.83 17.06
C MET A 122 13.32 -6.52 16.79
N ILE A 123 14.37 -6.07 17.43
CA ILE A 123 15.67 -6.70 17.27
C ILE A 123 15.59 -8.14 17.72
N ALA A 124 14.91 -8.43 18.84
CA ALA A 124 14.76 -9.78 19.24
C ALA A 124 13.91 -10.57 18.24
N GLN A 125 12.80 -9.98 17.80
CA GLN A 125 12.00 -10.61 16.78
C GLN A 125 12.84 -11.09 15.56
N ALA A 126 13.89 -10.37 15.22
CA ALA A 126 14.66 -10.66 14.00
C ALA A 126 15.24 -12.02 14.06
N PHE A 127 15.52 -12.47 15.28
CA PHE A 127 16.16 -13.78 15.47
C PHE A 127 15.25 -14.86 16.01
N PHE A 128 13.96 -14.58 16.17
CA PHE A 128 13.07 -15.50 16.83
C PHE A 128 13.07 -16.90 16.20
N VAL A 129 13.15 -17.00 14.90
CA VAL A 129 13.22 -18.34 14.25
C VAL A 129 14.51 -18.55 13.49
N ALA A 130 15.52 -17.74 13.76
CA ALA A 130 16.79 -17.89 13.05
C ALA A 130 17.42 -19.23 13.30
N GLY A 131 17.00 -19.88 14.38
CA GLY A 131 17.68 -21.04 14.85
C GLY A 131 17.10 -22.32 14.34
N ARG A 132 16.01 -22.24 13.56
CA ARG A 132 15.35 -23.43 13.00
C ARG A 132 16.27 -24.03 11.94
N ASP A 133 16.36 -25.37 11.98
CA ASP A 133 17.08 -26.19 11.04
C ASP A 133 16.11 -26.82 10.03
N ASP A 134 14.82 -26.79 10.31
CA ASP A 134 13.84 -27.22 9.33
C ASP A 134 12.48 -26.91 9.83
N GLU A 135 11.45 -27.50 9.27
CA GLU A 135 10.09 -27.22 9.75
C GLU A 135 9.57 -28.21 10.82
N ALA A 136 10.43 -29.02 11.45
CA ALA A 136 9.94 -30.00 12.44
C ALA A 136 9.22 -29.27 13.56
N SER A 137 8.10 -29.80 14.00
CA SER A 137 7.22 -29.08 14.90
C SER A 137 7.08 -29.70 16.30
N ASP A 138 7.74 -30.81 16.55
CA ASP A 138 7.71 -31.49 17.86
C ASP A 138 8.44 -30.61 18.89
N ALA A 139 8.32 -30.95 20.18
CA ALA A 139 8.81 -30.05 21.24
C ALA A 139 10.30 -30.17 21.49
N LYS A 140 10.89 -31.32 21.21
CA LYS A 140 12.32 -31.46 21.41
C LYS A 140 13.07 -30.54 20.39
N ASN A 141 12.64 -30.56 19.12
CA ASN A 141 13.13 -29.62 18.13
C ASN A 141 12.76 -28.14 18.36
N TYR A 142 11.51 -27.83 18.74
CA TYR A 142 11.14 -26.49 19.09
C TYR A 142 12.23 -25.94 20.00
N GLN A 143 12.51 -26.66 21.07
CA GLN A 143 13.42 -26.22 22.13
C GLN A 143 14.84 -26.00 21.68
N LYS A 144 15.32 -26.93 20.88
CA LYS A 144 16.64 -26.87 20.32
C LYS A 144 16.75 -25.64 19.39
N TYR A 145 15.75 -25.47 18.54
CA TYR A 145 15.73 -24.40 17.59
C TYR A 145 15.65 -23.06 18.32
N HIS A 146 14.83 -22.95 19.37
CA HIS A 146 14.78 -21.71 20.15
C HIS A 146 16.01 -21.43 20.98
N GLU A 147 16.70 -22.48 21.44
CA GLU A 147 18.06 -22.31 21.97
C GLU A 147 19.00 -21.77 20.88
N GLN A 148 18.88 -22.34 19.67
CA GLN A 148 19.74 -21.91 18.56
C GLN A 148 19.40 -20.49 18.21
N SER A 149 18.12 -20.11 18.27
CA SER A 149 17.75 -18.71 18.05
C SER A 149 18.42 -17.78 19.09
N ARG A 150 18.30 -18.18 20.33
CA ARG A 150 18.87 -17.43 21.42
C ARG A 150 20.35 -17.21 21.21
N ASP A 151 21.06 -18.27 20.81
CA ASP A 151 22.51 -18.15 20.61
C ASP A 151 22.76 -17.20 19.49
N ALA A 152 21.93 -17.27 18.46
CA ALA A 152 22.14 -16.38 17.31
C ALA A 152 22.02 -14.96 17.80
N PHE A 153 20.93 -14.66 18.52
CA PHE A 153 20.70 -13.31 19.04
C PHE A 153 21.88 -12.85 19.85
N LEU A 154 22.38 -13.74 20.73
CA LEU A 154 23.43 -13.34 21.69
C LEU A 154 24.74 -13.15 21.00
N LYS A 155 24.98 -13.93 19.96
CA LYS A 155 26.14 -13.69 19.11
C LYS A 155 26.02 -12.33 18.38
N TYR A 156 24.86 -11.99 17.89
CA TYR A 156 24.68 -10.71 17.26
C TYR A 156 25.08 -9.59 18.17
N VAL A 157 24.64 -9.66 19.41
CA VAL A 157 24.83 -8.58 20.34
C VAL A 157 26.27 -8.50 20.78
N LYS A 158 26.90 -9.64 20.95
CA LYS A 158 28.30 -9.64 21.28
C LYS A 158 29.11 -9.00 20.15
N ASP A 159 28.80 -9.33 18.92
CA ASP A 159 29.58 -8.80 17.82
C ASP A 159 29.33 -7.34 17.62
N ASN A 160 28.38 -6.77 18.34
CA ASN A 160 28.02 -5.40 18.13
C ASN A 160 27.81 -4.64 19.40
N GLU A 161 28.43 -5.09 20.46
CA GLU A 161 28.24 -4.49 21.76
C GLU A 161 28.40 -3.01 21.71
N SER A 162 29.39 -2.56 20.97
CA SER A 162 29.75 -1.18 20.92
C SER A 162 28.64 -0.23 20.56
N THR A 163 27.84 -0.58 19.58
CA THR A 163 26.82 0.31 19.11
C THR A 163 25.50 0.01 19.74
N LEU A 164 25.33 -1.22 20.17
CA LEU A 164 24.07 -1.64 20.69
C LEU A 164 24.02 -1.39 22.15
N LEU A 165 25.18 -1.68 22.74
CA LEU A 165 25.46 -1.68 24.17
C LEU A 165 24.67 -0.62 24.91
N PRO A 166 25.34 0.42 25.36
CA PRO A 166 24.60 1.37 26.21
C PRO A 166 23.32 1.87 25.56
N ASP A 167 23.38 2.05 24.26
CA ASP A 167 22.40 2.79 23.49
C ASP A 167 21.07 2.13 23.15
N VAL A 168 21.06 0.81 23.02
CA VAL A 168 19.82 0.15 22.66
C VAL A 168 19.28 -0.67 23.79
N PHE A 169 20.14 -1.47 24.37
CA PHE A 169 19.87 -2.31 25.51
C PHE A 169 20.68 -1.81 26.71
N LYS A 170 20.08 -1.27 27.75
CA LYS A 170 20.83 -0.84 28.95
C LYS A 170 22.11 -1.56 29.37
N ASP A 171 22.08 -2.87 29.40
CA ASP A 171 23.20 -3.66 29.88
C ASP A 171 22.99 -5.10 29.49
N GLN A 172 23.94 -5.96 29.85
CA GLN A 172 23.80 -7.36 29.54
C GLN A 172 22.59 -8.00 30.12
N GLU A 173 22.17 -7.50 31.26
CA GLU A 173 21.01 -8.08 31.93
C GLU A 173 19.80 -7.86 31.05
N ASP A 174 19.70 -6.64 30.51
CA ASP A 174 18.59 -6.27 29.62
C ASP A 174 18.59 -7.21 28.40
N VAL A 175 19.80 -7.45 27.87
CA VAL A 175 20.03 -8.26 26.67
C VAL A 175 19.66 -9.66 26.99
N ASN A 176 19.98 -10.07 28.20
CA ASN A 176 19.70 -11.45 28.60
C ASN A 176 18.21 -11.76 28.69
N PHE A 177 17.39 -10.76 28.98
CA PHE A 177 15.95 -10.97 29.10
C PHE A 177 15.33 -11.24 27.73
N TYR A 178 15.67 -10.39 26.77
CA TYR A 178 15.17 -10.58 25.39
C TYR A 178 15.66 -11.90 24.86
N ALA A 179 16.90 -12.26 25.16
CA ALA A 179 17.43 -13.62 24.86
C ALA A 179 16.60 -14.74 25.45
N ARG A 180 16.05 -14.50 26.64
CA ARG A 180 15.16 -15.50 27.26
C ARG A 180 13.82 -15.55 26.61
N VAL A 181 13.27 -14.42 26.22
CA VAL A 181 12.00 -14.47 25.47
C VAL A 181 12.12 -15.32 24.23
N ILE A 182 13.28 -15.27 23.57
CA ILE A 182 13.48 -15.97 22.29
C ILE A 182 13.63 -17.45 22.56
N GLU A 183 14.43 -17.76 23.57
CA GLU A 183 14.55 -19.15 23.99
C GLU A 183 13.19 -19.75 24.43
N ASP A 184 12.27 -18.93 24.92
CA ASP A 184 10.90 -19.40 25.17
C ASP A 184 10.76 -20.73 25.97
N LYS A 185 11.62 -20.90 26.97
CA LYS A 185 11.35 -21.95 28.00
C LYS A 185 10.09 -21.55 28.78
N SER A 186 9.18 -22.49 29.00
CA SER A 186 7.98 -22.17 29.81
C SER A 186 8.30 -21.53 31.18
N HIS A 187 9.30 -22.03 31.92
CA HIS A 187 9.62 -21.41 33.24
C HIS A 187 10.15 -19.97 33.15
N ASP A 188 10.41 -19.49 31.92
CA ASP A 188 10.71 -18.08 31.68
C ASP A 188 9.50 -17.29 31.15
N TRP A 189 8.38 -17.92 30.83
CA TRP A 189 7.26 -17.12 30.34
C TRP A 189 6.76 -16.11 31.38
N GLU A 190 6.53 -14.86 30.97
CA GLU A 190 5.89 -13.85 31.79
C GLU A 190 4.79 -13.20 30.96
N SER A 191 3.89 -12.48 31.59
CA SER A 191 2.99 -11.54 30.90
C SER A 191 3.82 -10.29 30.93
N THR A 192 4.49 -10.02 29.82
CA THR A 192 5.16 -8.73 29.56
C THR A 192 4.90 -8.39 28.09
N PRO A 193 5.07 -7.11 27.76
CA PRO A 193 4.85 -6.72 26.40
C PRO A 193 5.80 -7.43 25.42
N ALA A 194 7.07 -7.56 25.76
CA ALA A 194 7.98 -8.32 24.96
C ALA A 194 7.49 -9.74 24.73
N HIS A 195 7.21 -10.46 25.82
CA HIS A 195 6.69 -11.81 25.68
C HIS A 195 5.46 -11.86 24.78
N VAL A 196 4.54 -10.94 25.00
CA VAL A 196 3.24 -11.00 24.32
C VAL A 196 3.30 -10.52 22.87
N LEU A 197 4.04 -9.49 22.60
CA LEU A 197 4.12 -8.97 21.26
C LEU A 197 4.87 -9.95 20.35
N ILE A 198 5.96 -10.49 20.84
CA ILE A 198 6.69 -11.51 20.17
C ILE A 198 5.90 -12.80 19.86
N ASN A 199 5.26 -13.39 20.86
CA ASN A 199 4.48 -14.60 20.63
C ASN A 199 3.32 -14.24 19.72
N GLN A 200 2.65 -13.15 19.99
CA GLN A 200 1.47 -12.83 19.18
C GLN A 200 1.79 -12.57 17.68
N GLY A 201 2.81 -11.76 17.40
CA GLY A 201 3.09 -11.36 16.06
C GLY A 201 3.49 -12.59 15.31
N HIS A 202 4.25 -13.41 16.00
CA HIS A 202 4.67 -14.70 15.46
C HIS A 202 3.53 -15.61 15.07
N MET A 203 2.57 -15.78 15.99
CA MET A 203 1.51 -16.73 15.72
C MET A 203 0.52 -16.13 14.76
N VAL A 204 0.24 -14.82 14.79
CA VAL A 204 -0.76 -14.35 13.81
C VAL A 204 -0.31 -14.49 12.33
N ASP A 205 0.96 -14.67 12.08
CA ASP A 205 1.42 -14.78 10.70
C ASP A 205 0.89 -16.12 10.08
N LEU A 206 0.43 -17.04 10.93
CA LEU A 206 -0.14 -18.31 10.44
C LEU A 206 -1.54 -18.20 9.80
N VAL A 207 -2.19 -17.07 9.93
CA VAL A 207 -3.49 -16.85 9.26
C VAL A 207 -3.37 -17.09 7.76
N ARG A 208 -2.20 -16.93 7.21
CA ARG A 208 -2.01 -16.98 5.78
C ARG A 208 -2.18 -18.41 5.25
N VAL A 209 -1.91 -19.36 6.12
CA VAL A 209 -1.79 -20.77 5.77
C VAL A 209 -2.73 -21.76 6.49
N LYS A 210 -3.02 -21.56 7.78
CA LYS A 210 -3.71 -22.59 8.57
C LYS A 210 -5.16 -22.80 8.20
N GLN A 211 -5.64 -24.02 8.33
CA GLN A 211 -7.00 -24.35 8.02
C GLN A 211 -7.64 -25.21 9.09
N PRO A 212 -8.96 -25.04 9.34
CA PRO A 212 -9.88 -24.09 8.66
C PRO A 212 -9.55 -22.68 9.08
N PRO A 213 -9.65 -21.71 8.16
CA PRO A 213 -9.18 -20.44 8.57
C PRO A 213 -10.05 -19.70 9.56
N GLU A 214 -11.33 -20.02 9.60
CA GLU A 214 -12.24 -19.34 10.51
C GLU A 214 -11.92 -19.73 11.94
N SER A 215 -11.51 -20.96 12.12
CA SER A 215 -11.09 -21.48 13.41
C SER A 215 -9.88 -20.74 13.92
N PHE A 216 -8.86 -20.70 13.10
CA PHE A 216 -7.64 -20.02 13.48
C PHE A 216 -7.83 -18.54 13.66
N LEU A 217 -8.63 -17.93 12.81
CA LEU A 217 -8.82 -16.52 12.94
C LEU A 217 -9.53 -16.16 14.23
N GLN A 218 -10.56 -16.91 14.61
CA GLN A 218 -11.31 -16.59 15.81
C GLN A 218 -10.46 -16.78 17.06
N ARG A 219 -9.66 -17.80 17.06
CA ARG A 219 -8.72 -18.01 18.14
C ARG A 219 -7.72 -16.87 18.27
N TYR A 220 -7.09 -16.47 17.18
CA TYR A 220 -6.02 -15.48 17.23
C TYR A 220 -6.57 -14.10 17.58
N PHE A 221 -7.71 -13.79 17.02
CA PHE A 221 -8.48 -12.63 17.30
C PHE A 221 -8.86 -12.50 18.74
N SER A 222 -9.50 -13.53 19.24
CA SER A 222 -9.96 -13.48 20.63
C SER A 222 -8.73 -13.38 21.55
N SER A 223 -7.64 -13.98 21.17
CA SER A 223 -6.45 -13.84 21.97
C SER A 223 -5.79 -12.43 21.92
N MET A 224 -5.98 -11.70 20.81
CA MET A 224 -5.45 -10.29 20.72
C MET A 224 -6.36 -9.26 21.43
N GLN A 225 -7.65 -9.46 21.19
CA GLN A 225 -8.76 -8.70 21.71
C GLN A 225 -8.67 -8.49 23.21
N ARG A 226 -8.20 -9.49 23.94
CA ARG A 226 -8.07 -9.38 25.37
C ARG A 226 -6.94 -8.40 25.73
N TRP A 227 -6.02 -8.14 24.83
CA TRP A 227 -5.00 -7.21 25.16
C TRP A 227 -5.33 -5.79 24.68
N ILE A 228 -5.93 -5.66 23.49
CA ILE A 228 -6.11 -4.37 22.85
C ILE A 228 -7.52 -4.00 22.46
N GLY A 229 -8.47 -4.90 22.69
CA GLY A 229 -9.86 -4.61 22.40
C GLY A 229 -10.15 -4.91 20.95
N SER A 230 -11.41 -4.78 20.66
CA SER A 230 -12.02 -5.40 19.56
C SER A 230 -11.82 -4.55 18.30
N GLN A 231 -12.07 -3.27 18.41
CA GLN A 231 -11.86 -2.37 17.33
C GLN A 231 -10.37 -2.31 16.92
N ALA A 232 -9.46 -2.19 17.85
CA ALA A 232 -8.07 -2.32 17.45
C ALA A 232 -7.73 -3.66 16.80
N THR A 233 -8.29 -4.75 17.33
CA THR A 233 -7.95 -6.02 16.89
C THR A 233 -8.46 -6.14 15.45
N GLU A 234 -9.65 -5.66 15.13
CA GLU A 234 -10.04 -5.62 13.74
C GLU A 234 -9.04 -4.85 12.90
N ALA A 235 -8.47 -3.77 13.42
CA ALA A 235 -7.56 -3.00 12.59
C ALA A 235 -6.29 -3.78 12.28
N VAL A 236 -5.74 -4.45 13.29
CA VAL A 236 -4.53 -5.22 13.15
C VAL A 236 -4.73 -6.34 12.09
N PHE A 237 -5.84 -7.08 12.17
CA PHE A 237 -6.12 -8.17 11.20
C PHE A 237 -6.48 -7.67 9.80
N GLY A 238 -7.11 -6.51 9.75
CA GLY A 238 -7.44 -5.86 8.46
C GLY A 238 -6.19 -5.44 7.76
N ILE A 239 -5.29 -4.82 8.52
CA ILE A 239 -4.04 -4.33 7.96
C ILE A 239 -3.10 -5.49 7.62
N GLN A 240 -3.13 -6.51 8.43
CA GLN A 240 -2.36 -7.71 8.14
C GLN A 240 -2.60 -8.24 6.73
N ARG A 241 -3.85 -8.19 6.29
CA ARG A 241 -4.23 -8.63 4.96
C ARG A 241 -3.48 -7.80 3.92
N GLN A 242 -3.35 -6.52 4.16
CA GLN A 242 -2.59 -5.69 3.28
C GLN A 242 -1.13 -5.98 3.34
N PHE A 243 -0.61 -6.37 4.49
CA PHE A 243 0.79 -6.73 4.57
C PHE A 243 1.02 -7.99 3.76
N PHE A 244 0.04 -8.93 3.79
CA PHE A 244 0.20 -10.15 3.01
C PHE A 244 0.21 -9.80 1.51
N HIS A 245 -0.71 -8.95 1.04
CA HIS A 245 -0.71 -8.50 -0.32
C HIS A 245 0.66 -7.88 -0.63
N ALA A 246 1.13 -7.03 0.27
CA ALA A 246 2.36 -6.33 0.01
C ALA A 246 3.57 -7.25 -0.10
N THR A 247 3.57 -8.40 0.55
CA THR A 247 4.72 -9.28 0.58
C THR A 247 4.42 -10.51 -0.32
N TYR A 248 3.42 -10.37 -1.19
CA TYR A 248 3.15 -11.35 -2.24
C TYR A 248 2.86 -12.74 -1.67
N GLU A 249 2.13 -12.78 -0.55
CA GLU A 249 1.61 -13.99 0.10
C GLU A 249 0.08 -14.00 0.15
N VAL A 250 -0.46 -15.20 0.25
CA VAL A 250 -1.92 -15.46 0.19
C VAL A 250 -2.74 -14.74 1.23
N VAL A 251 -3.79 -14.07 0.80
CA VAL A 251 -4.81 -13.55 1.70
C VAL A 251 -6.01 -14.55 1.70
N ALA A 252 -6.25 -15.17 2.84
CA ALA A 252 -7.28 -16.24 3.02
C ALA A 252 -8.74 -15.72 2.99
N GLY A 253 -9.69 -16.51 2.52
CA GLY A 253 -11.09 -16.15 2.66
C GLY A 253 -11.56 -16.41 4.08
N PHE A 254 -12.71 -15.88 4.42
CA PHE A 254 -13.32 -16.18 5.69
C PHE A 254 -14.76 -16.36 5.42
N ASP A 255 -15.25 -17.56 5.73
CA ASP A 255 -16.62 -17.91 5.50
C ASP A 255 -17.19 -18.33 6.83
N SER A 256 -18.28 -17.70 7.21
CA SER A 256 -18.96 -18.07 8.41
C SER A 256 -19.87 -19.26 8.19
N ASP A 257 -20.17 -19.56 6.91
CA ASP A 257 -20.93 -20.76 6.48
C ASP A 257 -20.11 -22.02 6.24
N ASN A 258 -18.82 -21.97 6.53
CA ASN A 258 -17.92 -23.11 6.28
C ASN A 258 -18.39 -24.38 7.07
N LYS A 259 -18.57 -25.47 6.31
CA LYS A 259 -19.16 -26.75 6.77
C LYS A 259 -18.19 -27.78 7.32
N GLU A 260 -16.91 -27.55 7.17
CA GLU A 260 -15.96 -28.53 7.62
C GLU A 260 -15.86 -28.50 9.15
N PRO A 261 -15.20 -29.53 9.73
CA PRO A 261 -15.08 -29.56 11.17
C PRO A 261 -14.28 -28.36 11.72
N HIS A 262 -14.82 -27.80 12.79
CA HIS A 262 -14.12 -26.79 13.55
C HIS A 262 -12.92 -27.43 14.15
N LEU A 263 -11.80 -26.73 14.20
CA LEU A 263 -10.62 -27.23 14.87
C LEU A 263 -10.39 -26.38 16.11
N VAL A 264 -10.25 -27.05 17.24
CA VAL A 264 -9.96 -26.41 18.52
C VAL A 264 -8.48 -26.23 18.59
N VAL A 265 -8.07 -25.01 18.41
CA VAL A 265 -6.71 -24.75 18.01
C VAL A 265 -5.71 -25.17 19.03
N SER A 266 -5.83 -24.70 20.24
CA SER A 266 -4.92 -25.17 21.28
C SER A 266 -5.38 -26.59 21.60
N GLY A 267 -4.44 -27.51 21.42
CA GLY A 267 -4.68 -28.92 21.63
C GLY A 267 -5.11 -29.62 20.34
N LEU A 268 -5.22 -28.89 19.24
CA LEU A 268 -5.73 -29.44 18.00
C LEU A 268 -6.86 -30.44 18.22
N GLY A 269 -7.88 -30.04 18.98
CA GLY A 269 -9.02 -30.93 19.25
C GLY A 269 -10.31 -30.62 18.48
N ARG A 270 -11.42 -31.03 19.04
CA ARG A 270 -12.69 -30.97 18.36
C ARG A 270 -13.78 -30.84 19.38
N TYR A 271 -14.94 -30.47 18.87
CA TYR A 271 -16.16 -30.53 19.65
C TYR A 271 -17.03 -31.52 18.96
N VAL A 272 -17.79 -32.26 19.77
CA VAL A 272 -18.64 -33.29 19.26
C VAL A 272 -20.09 -32.94 19.53
N ILE A 273 -20.92 -33.20 18.51
CA ILE A 273 -22.33 -33.03 18.60
C ILE A 273 -22.91 -34.41 18.95
N GLY A 274 -23.68 -34.48 20.04
CA GLY A 274 -24.32 -35.74 20.48
C GLY A 274 -25.46 -36.19 19.60
N GLU A 275 -26.22 -37.19 20.10
CA GLU A 275 -27.41 -37.68 19.41
C GLU A 275 -28.53 -36.63 19.35
N ASP A 276 -28.70 -35.88 20.43
CA ASP A 276 -29.73 -34.81 20.45
C ASP A 276 -29.55 -33.78 19.34
N GLY A 277 -28.32 -33.66 18.86
CA GLY A 277 -27.97 -32.67 17.88
C GLY A 277 -27.32 -31.47 18.56
N GLN A 278 -26.76 -31.66 19.75
CA GLN A 278 -26.20 -30.57 20.57
C GLN A 278 -24.79 -30.86 21.06
N PRO A 279 -23.98 -29.81 21.22
CA PRO A 279 -22.58 -30.04 21.52
C PRO A 279 -22.43 -30.59 22.89
N ILE A 280 -21.50 -31.52 23.07
CA ILE A 280 -21.30 -32.13 24.38
C ILE A 280 -20.55 -31.17 25.29
N ARG A 281 -21.08 -30.97 26.50
CA ARG A 281 -20.48 -30.04 27.44
C ARG A 281 -20.10 -30.66 28.78
N GLU A 282 -19.10 -30.09 29.42
CA GLU A 282 -18.76 -30.45 30.79
C GLU A 282 -19.89 -29.96 31.68
N ALA A 283 -20.18 -30.70 32.76
CA ALA A 283 -21.14 -30.27 33.77
C ALA A 283 -20.95 -28.79 34.13
N PRO A 284 -22.05 -28.09 34.39
CA PRO A 284 -21.90 -26.64 34.54
C PRO A 284 -21.33 -26.28 35.89
N LYS A 285 -20.34 -25.41 35.89
CA LYS A 285 -19.93 -24.77 37.11
C LYS A 285 -21.12 -23.90 37.48
N LYS A 286 -21.16 -23.43 38.73
CA LYS A 286 -22.29 -22.65 39.24
C LYS A 286 -22.15 -21.20 38.82
N GLY A 287 -23.30 -20.57 38.53
CA GLY A 287 -23.32 -19.28 37.86
C GLY A 287 -22.90 -19.40 36.41
N GLN A 288 -23.16 -20.58 35.84
CA GLN A 288 -23.03 -20.85 34.41
C GLN A 288 -24.36 -21.48 33.99
N LYS A 289 -25.07 -20.84 33.06
CA LYS A 289 -26.30 -21.44 32.54
C LYS A 289 -25.98 -22.70 31.70
N GLU A 290 -24.84 -22.68 30.99
CA GLU A 290 -24.37 -23.84 30.23
C GLU A 290 -22.93 -24.22 30.55
N GLY A 291 -22.65 -25.52 30.55
CA GLY A 291 -21.29 -26.02 30.76
C GLY A 291 -20.29 -25.65 29.66
N ASP A 292 -19.01 -25.71 29.99
CA ASP A 292 -17.97 -25.59 29.01
C ASP A 292 -18.10 -26.68 27.93
N LEU A 293 -17.80 -26.26 26.71
CA LEU A 293 -17.73 -27.15 25.57
C LEU A 293 -16.63 -28.21 25.77
N LYS A 294 -16.98 -29.47 25.72
CA LYS A 294 -16.00 -30.49 25.98
C LYS A 294 -15.10 -30.69 24.77
N VAL A 295 -13.80 -30.56 24.99
CA VAL A 295 -12.78 -30.74 23.97
C VAL A 295 -12.33 -32.19 23.85
N PHE A 296 -12.54 -32.79 22.68
CA PHE A 296 -12.10 -34.13 22.38
C PHE A 296 -10.88 -34.18 21.49
N PRO A 297 -10.06 -35.22 21.65
CA PRO A 297 -8.94 -35.43 20.77
C PRO A 297 -9.39 -35.94 19.39
N GLN A 298 -8.52 -35.81 18.39
CA GLN A 298 -8.85 -36.30 17.06
C GLN A 298 -8.80 -37.81 17.01
N THR A 299 -8.19 -38.44 18.01
CA THR A 299 -8.28 -39.91 18.09
C THR A 299 -9.54 -40.39 18.78
N TYR A 300 -10.39 -39.51 19.27
CA TYR A 300 -11.62 -39.98 19.93
C TYR A 300 -12.53 -40.67 18.93
N LYS A 301 -13.06 -41.85 19.28
CA LYS A 301 -13.97 -42.58 18.40
C LYS A 301 -15.40 -42.06 18.56
N LEU A 302 -15.96 -41.63 17.44
CA LEU A 302 -17.32 -41.15 17.34
C LEU A 302 -18.26 -42.29 17.45
N LYS A 303 -19.31 -42.11 18.23
CA LYS A 303 -20.36 -43.12 18.31
C LYS A 303 -21.28 -42.91 17.11
N GLU A 304 -22.26 -43.78 16.92
CA GLU A 304 -23.21 -43.57 15.83
C GLU A 304 -24.12 -42.47 16.39
N ASN A 305 -24.65 -41.64 15.50
CA ASN A 305 -25.40 -40.42 15.92
C ASN A 305 -24.51 -39.35 16.59
N GLU A 306 -23.21 -39.45 16.39
CA GLU A 306 -22.27 -38.48 16.89
C GLU A 306 -21.52 -38.05 15.69
N ARG A 307 -21.21 -36.75 15.67
CA ARG A 307 -20.37 -36.16 14.62
C ARG A 307 -19.61 -34.92 15.18
N LEU A 308 -18.72 -34.36 14.36
CA LEU A 308 -17.90 -33.26 14.77
C LEU A 308 -18.69 -31.97 14.58
N MET A 309 -18.51 -30.99 15.46
CA MET A 309 -19.10 -29.66 15.26
C MET A 309 -18.44 -29.04 14.04
N ARG A 310 -19.24 -28.50 13.14
CA ARG A 310 -18.75 -27.77 11.99
C ARG A 310 -18.31 -26.30 12.37
N VAL A 311 -17.39 -25.74 11.64
CA VAL A 311 -17.08 -24.34 11.72
C VAL A 311 -18.32 -23.42 11.81
N ASP A 312 -19.30 -23.57 10.93
CA ASP A 312 -20.47 -22.72 10.96
C ASP A 312 -21.28 -22.87 12.20
N GLU A 313 -21.28 -24.05 12.76
CA GLU A 313 -22.02 -24.26 13.99
C GLU A 313 -21.31 -23.52 15.14
N PHE A 314 -20.00 -23.67 15.14
CA PHE A 314 -19.19 -23.03 16.12
C PHE A 314 -19.38 -21.53 16.17
N LEU A 315 -19.37 -20.90 15.02
CA LEU A 315 -19.35 -19.43 14.97
C LEU A 315 -20.70 -18.86 15.35
N LYS A 316 -21.73 -19.72 15.28
CA LYS A 316 -23.12 -19.39 15.61
C LYS A 316 -23.43 -19.60 17.09
N LEU A 317 -22.57 -20.28 17.82
CA LEU A 317 -22.75 -20.32 19.24
C LEU A 317 -22.87 -18.92 19.82
N PRO A 318 -23.84 -18.69 20.72
CA PRO A 318 -23.96 -17.45 21.39
C PRO A 318 -22.69 -17.00 22.07
N GLU A 319 -21.96 -17.88 22.73
CA GLU A 319 -20.70 -17.42 23.37
C GLU A 319 -19.64 -16.88 22.39
N ILE A 320 -19.61 -17.34 21.15
CA ILE A 320 -18.70 -16.81 20.12
C ILE A 320 -19.34 -15.62 19.45
N GLN A 321 -20.57 -15.77 19.04
CA GLN A 321 -21.29 -14.65 18.46
C GLN A 321 -21.38 -13.46 19.41
N ASN A 322 -21.52 -13.69 20.70
CA ASN A 322 -21.56 -12.57 21.61
C ASN A 322 -20.26 -11.78 21.50
N THR A 323 -19.18 -12.47 21.15
CA THR A 323 -17.77 -11.94 21.41
C THR A 323 -16.81 -11.81 20.21
N PHE A 324 -17.18 -12.34 19.05
CA PHE A 324 -16.32 -12.30 17.90
C PHE A 324 -17.06 -11.60 16.75
N PRO A 325 -16.49 -10.49 16.22
CA PRO A 325 -17.16 -9.74 15.19
C PRO A 325 -17.30 -10.47 13.86
N GLY A 326 -16.51 -11.51 13.63
CA GLY A 326 -16.63 -12.33 12.40
C GLY A 326 -17.81 -13.30 12.37
N SER A 327 -18.51 -13.56 13.48
CA SER A 327 -19.70 -14.42 13.32
C SER A 327 -20.62 -13.77 12.29
N GLY A 328 -21.15 -14.60 11.39
CA GLY A 328 -22.08 -14.19 10.36
C GLY A 328 -21.48 -13.40 9.20
N LYS A 329 -20.16 -13.27 9.14
CA LYS A 329 -19.50 -12.51 8.09
C LYS A 329 -18.83 -13.36 7.03
N HIS A 330 -18.45 -12.68 5.96
CA HIS A 330 -17.69 -13.26 4.85
C HIS A 330 -16.61 -12.28 4.31
N LEU A 331 -15.41 -12.81 4.13
CA LEU A 331 -14.38 -12.08 3.48
C LEU A 331 -13.93 -12.92 2.30
N GLN A 332 -14.10 -12.36 1.11
CA GLN A 332 -13.60 -12.97 -0.10
C GLN A 332 -12.07 -13.08 0.03
N GLY A 333 -11.49 -14.17 -0.46
CA GLY A 333 -10.04 -14.34 -0.48
C GLY A 333 -9.33 -13.53 -1.56
N GLY A 334 -8.02 -13.62 -1.66
CA GLY A 334 -7.30 -12.98 -2.72
C GLY A 334 -7.39 -11.48 -2.80
N MET A 335 -7.37 -10.98 -4.02
CA MET A 335 -7.13 -9.56 -4.20
C MET A 335 -8.30 -8.97 -4.93
N PRO A 336 -8.91 -7.93 -4.33
CA PRO A 336 -10.00 -7.18 -4.96
C PRO A 336 -9.57 -6.50 -6.26
N GLY A 337 -10.14 -6.99 -7.37
CA GLY A 337 -9.97 -6.39 -8.68
C GLY A 337 -9.01 -7.14 -9.58
N MET A 338 -8.55 -8.32 -9.17
CA MET A 338 -7.72 -9.17 -10.02
C MET A 338 -8.44 -10.46 -10.32
N ASN A 339 -8.10 -11.00 -11.47
CA ASN A 339 -8.30 -12.39 -11.80
C ASN A 339 -7.72 -13.35 -10.82
N GLU A 340 -8.09 -14.61 -11.02
CA GLU A 340 -7.52 -15.73 -10.33
C GLU A 340 -6.18 -15.98 -10.98
N MET A 341 -6.13 -15.88 -12.30
CA MET A 341 -4.92 -16.20 -13.03
C MET A 341 -3.82 -15.17 -12.72
N ASP A 342 -4.16 -13.88 -12.76
CA ASP A 342 -3.20 -12.86 -12.35
C ASP A 342 -2.76 -13.03 -10.88
N TYR A 343 -3.74 -13.19 -9.97
CA TYR A 343 -3.45 -13.37 -8.54
C TYR A 343 -2.50 -14.53 -8.33
N TRP A 344 -2.78 -15.64 -8.99
CA TRP A 344 -1.96 -16.83 -8.90
C TRP A 344 -0.55 -16.51 -9.37
N ASN A 345 -0.45 -15.80 -10.50
CA ASN A 345 0.88 -15.34 -11.00
C ASN A 345 1.58 -14.38 -10.05
N ARG A 346 0.79 -13.53 -9.43
CA ARG A 346 1.35 -12.57 -8.48
C ARG A 346 1.96 -13.30 -7.30
N LEU A 347 1.32 -14.39 -6.85
CA LEU A 347 1.87 -15.17 -5.77
C LEU A 347 3.06 -15.95 -6.19
N ASN A 348 3.12 -16.26 -7.47
CA ASN A 348 4.24 -17.04 -7.98
C ASN A 348 5.26 -16.21 -8.71
N SER A 349 5.39 -14.95 -8.31
CA SER A 349 6.27 -14.04 -8.98
C SER A 349 7.62 -13.93 -8.32
N LEU A 350 8.57 -13.45 -9.09
CA LEU A 350 9.84 -12.93 -8.60
C LEU A 350 9.69 -11.98 -7.44
N ASN A 351 8.68 -11.14 -7.43
CA ASN A 351 8.45 -10.29 -6.30
C ASN A 351 8.32 -11.01 -4.94
N ARG A 352 7.73 -12.22 -4.92
CA ARG A 352 7.77 -13.04 -3.72
C ARG A 352 9.20 -13.37 -3.35
N ALA A 353 10.00 -13.82 -4.30
CA ALA A 353 11.38 -14.15 -3.97
C ALA A 353 12.21 -12.97 -3.54
N ARG A 354 11.90 -11.80 -4.05
CA ARG A 354 12.63 -10.61 -3.66
C ARG A 354 12.35 -10.24 -2.24
N CYS A 355 11.06 -10.21 -1.89
CA CYS A 355 10.66 -10.03 -0.50
C CYS A 355 11.44 -10.97 0.45
N GLU A 356 11.56 -12.24 0.03
CA GLU A 356 12.12 -13.26 0.90
C GLU A 356 13.61 -13.19 0.97
N ASN A 357 14.23 -12.41 0.09
CA ASN A 357 15.69 -12.39 0.12
C ASN A 357 16.31 -11.04 0.16
N ASP A 358 15.53 -9.98 0.07
CA ASP A 358 16.09 -8.68 0.12
C ASP A 358 15.44 -7.78 1.21
N VAL A 359 16.20 -7.52 2.26
CA VAL A 359 15.67 -6.78 3.40
C VAL A 359 15.09 -5.44 2.99
N ASP A 360 15.88 -4.68 2.26
CA ASP A 360 15.48 -3.37 1.77
C ASP A 360 14.19 -3.43 1.01
N PHE A 361 14.10 -4.34 0.05
CA PHE A 361 12.90 -4.40 -0.76
C PHE A 361 11.70 -4.81 0.11
N CYS A 362 11.87 -5.82 0.95
CA CYS A 362 10.72 -6.29 1.73
C CYS A 362 10.20 -5.21 2.72
N LEU A 363 11.13 -4.56 3.45
CA LEU A 363 10.77 -3.44 4.34
C LEU A 363 10.05 -2.33 3.60
N LYS A 364 10.55 -1.97 2.41
CA LYS A 364 9.87 -0.98 1.59
C LYS A 364 8.45 -1.40 1.22
N GLN A 365 8.22 -2.66 0.89
CA GLN A 365 6.86 -3.07 0.56
C GLN A 365 5.94 -2.89 1.76
N LEU A 366 6.39 -3.36 2.89
CA LEU A 366 5.59 -3.24 4.13
C LEU A 366 5.45 -1.79 4.48
N GLN A 367 6.50 -1.01 4.30
CA GLN A 367 6.40 0.41 4.61
C GLN A 367 5.29 1.13 3.87
N THR A 368 5.38 1.05 2.58
CA THR A 368 4.39 1.58 1.70
C THR A 368 2.99 1.11 2.04
N ALA A 369 2.84 -0.15 2.33
CA ALA A 369 1.52 -0.64 2.73
C ALA A 369 1.05 -0.10 4.09
N HIS A 370 1.98 0.03 5.03
CA HIS A 370 1.66 0.51 6.36
C HIS A 370 1.24 1.98 6.19
N ASP A 371 2.03 2.78 5.49
CA ASP A 371 1.62 4.19 5.25
C ASP A 371 0.28 4.34 4.58
N LYS A 372 0.01 3.52 3.57
CA LYS A 372 -1.25 3.60 2.86
C LYS A 372 -2.38 3.25 3.79
N ALA A 373 -2.20 2.23 4.60
CA ALA A 373 -3.22 1.82 5.56
C ALA A 373 -3.63 2.89 6.57
N LYS A 374 -2.79 3.87 6.82
CA LYS A 374 -3.21 5.02 7.66
C LYS A 374 -4.09 6.01 6.93
N ILE A 375 -3.98 6.06 5.61
CA ILE A 375 -4.72 7.05 4.86
C ILE A 375 -6.06 6.53 4.38
N GLU A 376 -6.11 5.27 3.99
CA GLU A 376 -7.31 4.71 3.38
C GLU A 376 -8.56 4.75 4.27
N PRO A 377 -8.42 4.42 5.54
CA PRO A 377 -9.59 4.56 6.40
C PRO A 377 -10.00 6.01 6.55
N ILE A 378 -9.05 6.93 6.58
CA ILE A 378 -9.40 8.36 6.59
C ILE A 378 -10.22 8.79 5.36
N LYS A 379 -9.93 8.24 4.18
CA LYS A 379 -10.80 8.42 2.97
C LYS A 379 -12.20 7.80 3.06
N GLN A 380 -12.33 6.55 3.48
CA GLN A 380 -13.66 5.93 3.64
C GLN A 380 -14.60 6.61 4.65
N ALA A 381 -14.06 7.49 5.47
CA ALA A 381 -14.83 8.14 6.53
C ALA A 381 -15.74 9.26 6.01
N PHE A 382 -15.56 9.66 4.75
CA PHE A 382 -16.34 10.76 4.15
C PHE A 382 -16.76 10.39 2.76
N GLN A 383 -17.96 10.84 2.38
CA GLN A 383 -18.42 10.65 1.01
C GLN A 383 -17.43 11.37 0.12
N SER A 384 -16.80 10.65 -0.79
CA SER A 384 -15.95 11.35 -1.75
C SER A 384 -16.92 12.00 -2.75
N SER A 385 -16.57 13.19 -3.22
CA SER A 385 -17.42 13.86 -4.19
C SER A 385 -17.42 13.07 -5.51
N LYS A 386 -18.55 13.14 -6.21
CA LYS A 386 -18.73 12.42 -7.46
C LYS A 386 -17.87 13.08 -8.54
N GLY A 387 -16.81 12.41 -8.99
CA GLY A 387 -16.00 12.91 -10.11
C GLY A 387 -16.83 13.17 -11.36
N LYS A 388 -16.25 13.81 -12.37
CA LYS A 388 -17.06 14.14 -13.57
C LYS A 388 -17.51 12.88 -14.40
N GLU A 389 -18.66 13.01 -15.06
CA GLU A 389 -19.18 12.02 -15.97
C GLU A 389 -18.81 12.41 -17.39
N ARG A 390 -18.88 11.43 -18.26
CA ARG A 390 -18.22 11.49 -19.54
C ARG A 390 -19.08 10.64 -20.51
N ARG A 391 -19.45 11.20 -21.66
CA ARG A 391 -20.12 10.41 -22.69
C ARG A 391 -19.11 9.42 -23.26
N GLN A 392 -19.65 8.28 -23.64
CA GLN A 392 -18.90 7.33 -24.41
C GLN A 392 -18.66 7.91 -25.79
N PRO A 393 -17.57 7.44 -26.45
CA PRO A 393 -17.32 7.62 -27.85
C PRO A 393 -18.43 7.02 -28.65
N ASN A 394 -18.96 7.72 -29.64
CA ASN A 394 -19.91 7.09 -30.51
C ASN A 394 -19.24 6.21 -31.57
N VAL A 395 -20.04 5.42 -32.26
CA VAL A 395 -19.49 4.44 -33.18
C VAL A 395 -18.66 5.14 -34.26
N ASP A 396 -19.08 6.30 -34.74
CA ASP A 396 -18.26 7.03 -35.69
C ASP A 396 -16.88 7.41 -35.18
N GLU A 397 -16.78 7.82 -33.94
CA GLU A 397 -15.51 8.24 -33.40
C GLU A 397 -14.55 7.06 -33.21
N ILE A 398 -15.11 5.90 -32.89
CA ILE A 398 -14.32 4.69 -32.69
C ILE A 398 -13.78 4.26 -34.04
N ALA A 399 -14.62 4.38 -35.06
CA ALA A 399 -14.29 4.09 -36.45
C ALA A 399 -13.26 5.11 -37.00
N ALA A 400 -13.43 6.37 -36.63
CA ALA A 400 -12.43 7.36 -37.00
C ALA A 400 -11.09 6.97 -36.39
N ALA A 401 -11.09 6.59 -35.13
CA ALA A 401 -9.82 6.26 -34.51
C ALA A 401 -9.19 5.03 -35.16
N ARG A 402 -10.03 4.07 -35.54
CA ARG A 402 -9.52 2.86 -36.19
C ARG A 402 -8.79 3.19 -37.45
N ILE A 403 -9.46 3.94 -38.28
CA ILE A 403 -8.95 4.21 -39.59
C ILE A 403 -7.66 5.09 -39.52
N ILE A 404 -7.57 6.02 -38.55
CA ILE A 404 -6.33 6.78 -38.36
C ILE A 404 -5.19 5.87 -37.96
N GLN A 405 -5.46 4.97 -37.05
CA GLN A 405 -4.42 4.04 -36.60
C GLN A 405 -3.93 3.15 -37.72
N GLN A 406 -4.86 2.67 -38.55
CA GLN A 406 -4.50 1.84 -39.68
C GLN A 406 -3.63 2.63 -40.68
N ILE A 407 -4.03 3.86 -40.99
CA ILE A 407 -3.29 4.65 -41.96
C ILE A 407 -1.89 4.91 -41.46
N LEU A 408 -1.77 5.38 -40.23
CA LEU A 408 -0.48 5.54 -39.56
C LEU A 408 0.40 4.32 -39.61
N ALA A 409 -0.20 3.16 -39.45
CA ALA A 409 0.58 1.91 -39.45
C ALA A 409 0.88 1.35 -40.83
N ASN A 410 0.07 1.71 -41.84
CA ASN A 410 0.15 1.20 -43.22
C ASN A 410 0.14 2.34 -44.20
N PRO A 411 1.19 3.17 -44.14
CA PRO A 411 1.23 4.39 -44.99
C PRO A 411 1.36 4.13 -46.49
N ASP A 412 1.75 2.90 -46.89
CA ASP A 412 1.77 2.58 -48.29
C ASP A 412 0.33 2.60 -48.79
N CYS A 413 -0.66 2.57 -47.91
CA CYS A 413 -2.02 2.74 -48.40
C CYS A 413 -2.25 4.20 -48.96
N ILE A 414 -1.31 5.12 -48.67
CA ILE A 414 -1.52 6.53 -49.01
C ILE A 414 -1.02 6.79 -50.40
N HIS A 415 -1.87 7.33 -51.24
CA HIS A 415 -1.55 7.64 -52.63
C HIS A 415 -1.89 9.12 -52.89
N ASP A 416 -1.52 9.64 -54.04
CA ASP A 416 -1.66 11.06 -54.32
C ASP A 416 -2.97 11.69 -53.95
N ASP A 417 -4.08 11.10 -54.36
CA ASP A 417 -5.37 11.77 -54.25
C ASP A 417 -6.34 10.94 -53.42
N HIS A 418 -5.85 9.87 -52.79
CA HIS A 418 -6.73 9.08 -51.98
C HIS A 418 -5.99 8.14 -51.08
N VAL A 419 -6.71 7.60 -50.13
CA VAL A 419 -6.17 6.47 -49.41
C VAL A 419 -7.02 5.27 -49.89
N LEU A 420 -6.32 4.15 -50.17
CA LEU A 420 -6.92 2.83 -50.42
C LEU A 420 -6.59 1.87 -49.27
N ILE A 421 -7.59 1.58 -48.43
CA ILE A 421 -7.28 0.77 -47.25
C ILE A 421 -8.14 -0.55 -47.11
N ASN A 422 -9.46 -0.53 -47.05
CA ASN A 422 -10.17 -1.85 -46.88
C ASN A 422 -11.15 -2.13 -47.99
N GLY A 423 -10.66 -2.24 -49.20
CA GLY A 423 -11.53 -2.27 -50.38
C GLY A 423 -12.12 -0.94 -50.82
N GLN A 424 -11.96 0.10 -50.01
CA GLN A 424 -12.50 1.41 -50.29
C GLN A 424 -11.43 2.39 -50.70
N LYS A 425 -11.88 3.41 -51.44
CA LYS A 425 -11.06 4.53 -51.88
C LYS A 425 -11.46 5.77 -51.03
N LEU A 426 -10.68 6.14 -50.03
CA LEU A 426 -11.01 7.34 -49.17
C LEU A 426 -10.46 8.63 -49.79
N GLU A 427 -11.36 9.52 -50.21
CA GLU A 427 -10.97 10.75 -50.88
C GLU A 427 -10.92 11.94 -49.86
N GLN A 428 -10.67 13.13 -50.39
CA GLN A 428 -10.57 14.33 -49.61
C GLN A 428 -11.76 14.55 -48.69
N GLN A 429 -12.96 14.54 -49.26
CA GLN A 429 -14.18 14.84 -48.52
C GLN A 429 -14.39 13.89 -47.34
N PHE A 430 -14.01 12.63 -47.51
CA PHE A 430 -14.13 11.74 -46.40
C PHE A 430 -13.33 12.25 -45.18
N PHE A 431 -12.11 12.74 -45.39
CA PHE A 431 -11.33 13.19 -44.21
C PHE A 431 -11.83 14.52 -43.66
N ARG A 432 -12.28 15.41 -44.53
CA ARG A 432 -12.97 16.60 -44.09
C ARG A 432 -14.17 16.20 -43.26
N ASP A 433 -14.90 15.14 -43.65
CA ASP A 433 -16.10 14.73 -42.91
C ASP A 433 -15.71 14.32 -41.52
N LEU A 434 -14.58 13.62 -41.41
CA LEU A 434 -14.13 13.20 -40.06
C LEU A 434 -13.91 14.38 -39.13
N LEU A 435 -13.31 15.41 -39.68
CA LEU A 435 -13.03 16.65 -38.96
C LEU A 435 -14.29 17.42 -38.64
N ALA A 436 -15.25 17.45 -39.55
CA ALA A 436 -16.46 18.23 -39.29
C ALA A 436 -17.32 17.59 -38.27
N LYS A 437 -17.35 16.26 -38.23
CA LYS A 437 -18.39 15.51 -37.53
C LYS A 437 -17.96 14.68 -36.33
N CYS A 438 -16.73 14.18 -36.30
CA CYS A 438 -16.21 13.49 -35.13
C CYS A 438 -15.61 14.57 -34.23
N GLU A 439 -15.67 14.37 -32.94
CA GLU A 439 -15.00 15.28 -32.01
C GLU A 439 -13.57 14.80 -31.84
N MET A 440 -12.60 15.59 -32.32
CA MET A 440 -11.25 15.08 -32.38
C MET A 440 -10.56 14.87 -31.03
N ALA A 441 -10.98 15.54 -29.94
CA ALA A 441 -10.39 15.24 -28.64
C ALA A 441 -10.77 13.85 -28.18
N VAL A 442 -12.04 13.49 -28.37
CA VAL A 442 -12.52 12.14 -28.12
C VAL A 442 -11.83 11.08 -29.01
N VAL A 443 -11.72 11.36 -30.30
CA VAL A 443 -10.96 10.48 -31.22
C VAL A 443 -9.57 10.27 -30.71
N GLY A 444 -8.96 11.35 -30.24
CA GLY A 444 -7.62 11.31 -29.72
C GLY A 444 -7.47 10.53 -28.44
N SER A 445 -8.53 10.43 -27.65
CA SER A 445 -8.43 9.65 -26.44
C SER A 445 -8.50 8.18 -26.80
N LEU A 446 -9.07 7.81 -27.93
CA LEU A 446 -8.97 6.37 -28.31
C LEU A 446 -7.61 5.96 -28.85
N LEU A 447 -6.70 6.88 -29.09
CA LEU A 447 -5.43 6.55 -29.74
C LEU A 447 -4.38 6.25 -28.70
N ASN A 448 -3.36 5.49 -29.08
CA ASN A 448 -2.36 5.00 -28.14
C ASN A 448 -0.92 5.33 -28.54
N ASP A 449 0.02 4.92 -27.71
CA ASP A 449 1.41 5.30 -27.92
C ASP A 449 2.04 4.65 -29.16
N THR A 450 1.61 3.45 -29.47
CA THR A 450 2.13 2.83 -30.68
C THR A 450 1.74 3.72 -31.89
N ASP A 451 0.52 4.27 -31.86
CA ASP A 451 0.08 5.26 -32.84
C ASP A 451 0.99 6.50 -32.85
N ILE A 452 1.37 6.98 -31.67
CA ILE A 452 2.30 8.11 -31.63
C ILE A 452 3.65 7.71 -32.30
N GLY A 453 4.12 6.51 -31.99
CA GLY A 453 5.34 5.99 -32.61
C GLY A 453 5.26 5.88 -34.13
N ASN A 454 4.07 5.66 -34.67
CA ASN A 454 3.85 5.49 -36.10
C ASN A 454 3.76 6.81 -36.85
N ILE A 455 3.83 7.90 -36.12
CA ILE A 455 4.02 9.16 -36.76
C ILE A 455 5.30 9.05 -37.57
N ASP A 456 6.33 8.41 -37.02
CA ASP A 456 7.58 8.22 -37.72
C ASP A 456 7.25 7.41 -38.97
N THR A 457 6.47 6.35 -38.78
CA THR A 457 6.17 5.49 -39.89
C THR A 457 5.57 6.30 -40.99
N LEU A 458 4.56 7.08 -40.65
CA LEU A 458 3.90 7.88 -41.67
C LEU A 458 4.91 8.84 -42.32
N MET A 459 5.73 9.51 -41.49
CA MET A 459 6.57 10.62 -41.96
C MET A 459 7.72 10.10 -42.86
N ARG A 460 8.20 8.88 -42.59
CA ARG A 460 9.19 8.24 -43.44
C ARG A 460 8.57 8.08 -44.81
N HIS A 461 7.40 7.48 -44.87
CA HIS A 461 6.77 7.19 -46.13
C HIS A 461 6.52 8.46 -46.92
N GLU A 462 6.19 9.53 -46.19
CA GLU A 462 5.78 10.78 -46.79
C GLU A 462 6.92 11.78 -46.84
N LYS A 463 8.15 11.28 -46.94
CA LYS A 463 9.33 12.07 -46.68
C LYS A 463 9.41 13.30 -47.55
N ASP A 464 9.08 13.19 -48.83
CA ASP A 464 9.09 14.36 -49.69
C ASP A 464 7.72 14.94 -50.00
N THR A 465 6.71 14.53 -49.25
CA THR A 465 5.42 15.19 -49.37
C THR A 465 5.50 16.66 -48.96
N GLU A 466 5.05 17.52 -49.86
CA GLU A 466 5.04 18.94 -49.67
C GLU A 466 3.86 19.45 -48.87
N PHE A 467 4.17 20.19 -47.81
CA PHE A 467 3.17 20.80 -46.99
C PHE A 467 3.26 22.32 -47.17
N HIS A 468 2.17 22.95 -47.58
CA HIS A 468 2.18 24.36 -48.03
C HIS A 468 1.46 25.28 -46.99
N SER A 469 2.20 26.30 -46.54
CA SER A 469 1.68 27.35 -45.66
C SER A 469 0.43 27.95 -46.30
N THR A 470 -0.39 28.67 -45.59
CA THR A 470 -1.44 29.45 -46.25
C THR A 470 -0.87 30.71 -46.94
N ASN A 471 0.40 30.99 -46.69
CA ASN A 471 1.09 32.07 -47.41
C ASN A 471 1.47 31.63 -48.85
N PRO A 472 0.79 32.14 -49.92
CA PRO A 472 1.08 31.68 -51.30
C PRO A 472 2.54 31.75 -51.70
N GLU A 473 3.23 32.78 -51.26
CA GLU A 473 4.65 32.91 -51.56
C GLU A 473 5.56 32.11 -50.63
N ALA A 474 5.06 31.50 -49.61
CA ALA A 474 5.96 30.68 -48.82
C ALA A 474 6.52 29.50 -49.64
N VAL A 475 7.68 29.05 -49.18
CA VAL A 475 8.27 27.87 -49.72
C VAL A 475 7.46 26.68 -49.16
N PRO A 476 7.09 25.74 -50.04
CA PRO A 476 6.56 24.46 -49.56
C PRO A 476 7.59 23.76 -48.68
N VAL A 477 7.16 23.04 -47.64
CA VAL A 477 8.09 22.31 -46.75
C VAL A 477 7.86 20.80 -46.89
N LYS A 478 8.93 20.04 -46.77
CA LYS A 478 8.85 18.59 -46.81
C LYS A 478 8.69 18.02 -45.42
N ILE A 479 7.44 17.80 -45.05
CA ILE A 479 7.13 17.63 -43.65
C ILE A 479 7.74 16.35 -43.09
N GLY A 480 7.77 15.31 -43.91
CA GLY A 480 8.27 14.03 -43.46
C GLY A 480 9.75 14.07 -43.16
N GLU A 481 10.53 14.52 -44.13
CA GLU A 481 11.94 14.86 -43.88
C GLU A 481 12.07 15.75 -42.61
N TYR A 482 11.39 16.89 -42.60
CA TYR A 482 11.40 17.75 -41.38
C TYR A 482 11.22 16.90 -40.15
N TRP A 483 10.15 16.11 -40.12
CA TRP A 483 9.85 15.41 -38.91
C TRP A 483 10.96 14.44 -38.59
N ILE A 484 11.30 13.63 -39.59
CA ILE A 484 12.19 12.48 -39.39
C ILE A 484 13.62 12.89 -38.99
N ASN A 485 14.23 13.84 -39.71
CA ASN A 485 15.54 14.32 -39.32
C ASN A 485 15.55 14.84 -37.88
N ASP A 486 14.61 15.73 -37.59
CA ASP A 486 14.48 16.32 -36.25
C ASP A 486 14.44 15.21 -35.17
N GLN A 487 13.72 14.11 -35.44
CA GLN A 487 13.63 13.01 -34.49
C GLN A 487 14.93 12.22 -34.35
N ARG A 488 15.70 12.05 -35.44
CA ARG A 488 16.95 11.28 -35.35
C ARG A 488 17.97 12.02 -34.50
N ILE A 489 18.12 13.30 -34.78
CA ILE A 489 19.07 14.15 -34.02
C ILE A 489 18.63 14.29 -32.56
N ASN A 490 17.43 14.82 -32.32
CA ASN A 490 17.05 15.28 -30.98
C ASN A 490 16.25 14.34 -30.12
N ASN A 491 15.76 13.25 -30.71
CA ASN A 491 15.02 12.23 -29.97
C ASN A 491 15.38 10.88 -30.58
N SER A 492 16.68 10.67 -30.71
CA SER A 492 17.24 9.49 -31.37
C SER A 492 16.91 8.19 -30.67
N SER A 493 16.62 8.24 -29.38
CA SER A 493 16.26 7.04 -28.66
C SER A 493 14.81 6.63 -28.93
N GLY A 494 14.07 7.43 -29.70
CA GLY A 494 12.68 7.12 -30.04
C GLY A 494 11.73 7.36 -28.89
N ASN A 495 12.14 8.19 -27.92
CA ASN A 495 11.37 8.38 -26.69
C ASN A 495 9.99 9.02 -26.92
N ILE A 496 8.95 8.33 -26.48
CA ILE A 496 7.60 8.63 -26.93
C ILE A 496 6.97 9.86 -26.26
N THR A 497 7.13 10.02 -24.95
CA THR A 497 6.76 11.28 -24.30
C THR A 497 7.39 12.47 -25.01
N GLN A 498 8.62 12.32 -25.44
CA GLN A 498 9.30 13.40 -26.11
C GLN A 498 8.67 13.68 -27.46
N LYS A 499 8.12 12.63 -28.12
CA LYS A 499 7.48 12.81 -29.45
C LYS A 499 6.22 13.61 -29.32
N LYS A 500 5.53 13.37 -28.19
CA LYS A 500 4.37 14.14 -27.80
C LYS A 500 4.81 15.58 -27.66
N HIS A 501 5.86 15.83 -26.89
CA HIS A 501 6.32 17.22 -26.73
C HIS A 501 6.61 17.83 -28.11
N ASP A 502 7.34 17.12 -28.96
CA ASP A 502 7.79 17.67 -30.26
C ASP A 502 6.61 17.91 -31.18
N LEU A 503 5.59 17.12 -31.04
CA LEU A 503 4.44 17.30 -31.89
C LEU A 503 3.64 18.59 -31.51
N ILE A 504 3.58 18.85 -30.22
CA ILE A 504 2.98 20.06 -29.69
C ILE A 504 3.81 21.25 -30.16
N PHE A 505 5.13 21.12 -30.04
CA PHE A 505 6.05 22.17 -30.49
C PHE A 505 5.80 22.53 -31.97
N LEU A 506 5.66 21.51 -32.79
CA LEU A 506 5.45 21.78 -34.19
C LEU A 506 4.13 22.54 -34.36
N MET A 507 3.07 22.13 -33.65
CA MET A 507 1.74 22.78 -33.72
C MET A 507 1.74 24.25 -33.24
N GLN A 508 2.57 24.52 -32.24
CA GLN A 508 2.64 25.83 -31.62
C GLN A 508 3.48 26.87 -32.38
N ASN A 509 4.54 26.41 -33.07
CA ASN A 509 5.61 27.31 -33.51
C ASN A 509 5.82 27.46 -34.95
N ASP A 510 5.48 26.47 -35.73
CA ASP A 510 5.84 26.48 -37.16
C ASP A 510 4.58 26.80 -37.97
N ALA A 511 4.46 28.06 -38.39
CA ALA A 511 3.25 28.55 -39.06
C ALA A 511 3.01 27.99 -40.45
N TRP A 512 4.07 27.50 -41.07
CA TRP A 512 3.93 26.82 -42.35
C TRP A 512 3.01 25.60 -42.09
N TYR A 513 3.14 24.97 -40.91
CA TYR A 513 2.32 23.79 -40.53
C TYR A 513 0.97 24.21 -39.99
N PHE A 514 0.97 25.00 -38.89
CA PHE A 514 -0.29 25.26 -38.18
C PHE A 514 -1.29 26.05 -39.00
N SER A 515 -0.81 26.90 -39.90
CA SER A 515 -1.74 27.72 -40.65
C SER A 515 -2.64 26.83 -41.52
N ARG A 516 -2.01 25.90 -42.23
CA ARG A 516 -2.76 25.02 -43.14
C ARG A 516 -3.65 24.09 -42.31
N VAL A 517 -3.10 23.57 -41.23
CA VAL A 517 -3.83 22.65 -40.40
C VAL A 517 -5.12 23.31 -39.87
N ASN A 518 -4.99 24.53 -39.31
CA ASN A 518 -6.13 25.19 -38.72
C ASN A 518 -7.09 25.62 -39.75
N ALA A 519 -6.57 26.07 -40.90
CA ALA A 519 -7.47 26.48 -41.97
C ALA A 519 -8.35 25.28 -42.45
N ILE A 520 -7.73 24.12 -42.66
CA ILE A 520 -8.44 22.92 -43.06
C ILE A 520 -9.38 22.49 -41.94
N ALA A 521 -8.86 22.43 -40.71
CA ALA A 521 -9.67 21.99 -39.58
C ALA A 521 -10.91 22.87 -39.44
N GLN A 522 -10.83 24.12 -39.85
CA GLN A 522 -12.00 25.03 -39.81
C GLN A 522 -12.78 25.11 -41.12
N ASN A 523 -12.42 24.30 -42.10
CA ASN A 523 -13.08 24.34 -43.37
C ASN A 523 -13.09 25.70 -44.06
N ARG A 524 -11.99 26.42 -43.98
CA ARG A 524 -11.91 27.70 -44.67
C ARG A 524 -10.58 27.80 -45.42
N ASP A 525 -9.95 26.65 -45.67
CA ASP A 525 -8.73 26.60 -46.49
C ASP A 525 -9.03 26.77 -47.97
N LYS A 526 -7.94 27.04 -48.71
CA LYS A 526 -7.93 27.29 -50.16
C LYS A 526 -6.68 26.66 -50.81
N GLY A 527 -6.88 25.84 -51.84
CA GLY A 527 -5.74 25.22 -52.54
C GLY A 527 -4.98 24.18 -51.73
N SER A 528 -5.71 23.50 -50.84
CA SER A 528 -5.12 22.43 -50.04
C SER A 528 -5.02 21.20 -50.90
N THR A 529 -3.89 20.49 -50.83
CA THR A 529 -3.80 19.21 -51.50
C THR A 529 -4.55 18.17 -50.67
N PHE A 530 -4.71 16.99 -51.28
CA PHE A 530 -5.24 15.87 -50.60
C PHE A 530 -4.37 15.48 -49.40
N LYS A 531 -3.06 15.46 -49.56
CA LYS A 531 -2.19 15.03 -48.49
C LYS A 531 -2.28 15.96 -47.31
N GLU A 532 -2.53 17.23 -47.60
CA GLU A 532 -2.55 18.20 -46.52
C GLU A 532 -3.79 17.95 -45.74
N VAL A 533 -4.91 17.72 -46.40
CA VAL A 533 -6.11 17.36 -45.70
C VAL A 533 -5.92 16.12 -44.84
N LEU A 534 -5.33 15.10 -45.45
CA LEU A 534 -5.08 13.85 -44.75
C LEU A 534 -4.22 13.99 -43.51
N ILE A 535 -3.10 14.69 -43.70
CA ILE A 535 -2.14 14.86 -42.64
C ILE A 535 -2.77 15.63 -41.51
N THR A 536 -3.61 16.60 -41.83
CA THR A 536 -4.29 17.42 -40.84
C THR A 536 -5.23 16.53 -40.03
N THR A 537 -5.92 15.61 -40.72
CA THR A 537 -6.86 14.69 -40.11
C THR A 537 -6.21 13.72 -39.18
N LEU A 538 -5.05 13.21 -39.58
CA LEU A 538 -4.23 12.36 -38.72
C LEU A 538 -3.64 13.04 -37.49
N MET A 539 -3.02 14.19 -37.70
CA MET A 539 -2.21 14.81 -36.65
C MET A 539 -3.04 15.48 -35.59
N THR A 540 -4.21 15.96 -35.95
CA THR A 540 -5.03 16.72 -35.05
C THR A 540 -5.40 15.88 -33.85
N PRO A 541 -6.06 14.74 -34.04
CA PRO A 541 -6.27 13.91 -32.83
C PRO A 541 -4.98 13.45 -32.13
N LEU A 542 -3.91 13.20 -32.87
CA LEU A 542 -2.69 12.79 -32.19
C LEU A 542 -2.16 13.93 -31.29
N THR A 543 -2.32 15.17 -31.80
CA THR A 543 -1.81 16.34 -31.11
C THR A 543 -2.70 16.52 -29.87
N SER A 544 -4.01 16.45 -30.03
CA SER A 544 -4.89 16.45 -28.89
C SER A 544 -4.44 15.49 -27.81
N LYS A 545 -4.06 14.31 -28.22
CA LYS A 545 -3.70 13.26 -27.30
C LYS A 545 -2.43 13.68 -26.59
N ALA A 546 -1.50 14.19 -27.39
CA ALA A 546 -0.25 14.69 -26.84
C ALA A 546 -0.48 15.78 -25.80
N LEU A 547 -1.36 16.74 -26.07
CA LEU A 547 -1.58 17.84 -25.11
C LEU A 547 -2.03 17.22 -23.84
N VAL A 548 -3.04 16.37 -23.96
CA VAL A 548 -3.65 15.78 -22.80
C VAL A 548 -2.61 14.95 -22.05
N ASP A 549 -1.95 14.01 -22.72
CA ASP A 549 -1.07 13.15 -21.94
C ASP A 549 0.12 13.91 -21.34
N THR A 550 0.54 15.05 -21.88
CA THR A 550 1.66 15.79 -21.25
C THR A 550 1.30 17.00 -20.33
N SER A 551 0.02 17.27 -20.10
CA SER A 551 -0.39 18.45 -19.37
C SER A 551 -0.97 18.05 -18.02
N GLN A 552 -0.66 16.82 -17.62
CA GLN A 552 -1.03 16.27 -16.34
C GLN A 552 -0.07 16.74 -15.26
N ALA A 553 0.07 18.05 -15.09
CA ALA A 553 1.05 18.56 -14.15
C ALA A 553 0.68 18.15 -12.70
N LYS A 554 1.54 17.37 -12.07
CA LYS A 554 1.28 16.84 -10.74
C LYS A 554 1.82 17.76 -9.64
N PRO A 555 0.93 18.25 -8.75
CA PRO A 555 1.34 18.91 -7.50
C PRO A 555 2.28 18.02 -6.66
N PRO A 556 3.19 18.63 -5.86
CA PRO A 556 4.10 17.76 -5.13
C PRO A 556 3.30 16.88 -4.21
N THR A 557 3.80 15.70 -3.93
CA THR A 557 3.03 14.75 -3.10
C THR A 557 3.19 14.98 -1.60
N ARG A 558 4.27 15.64 -1.23
CA ARG A 558 4.68 15.81 0.15
C ARG A 558 5.31 17.22 0.38
N LEU A 559 4.60 18.03 1.14
CA LEU A 559 5.05 19.34 1.52
C LEU A 559 5.27 19.48 3.03
N PHE A 560 6.14 20.42 3.39
CA PHE A 560 6.43 20.78 4.76
C PHE A 560 6.20 22.25 5.02
N ARG A 561 5.55 22.55 6.12
CA ARG A 561 5.33 23.91 6.53
C ARG A 561 5.92 24.11 7.93
N GLY A 562 6.66 25.20 8.13
CA GLY A 562 7.26 25.50 9.41
C GLY A 562 6.51 26.51 10.25
N LEU A 563 6.42 26.20 11.55
CA LEU A 563 5.72 27.02 12.53
C LEU A 563 6.62 27.15 13.72
N ASN A 564 6.26 28.04 14.63
CA ASN A 564 7.13 28.47 15.74
C ASN A 564 6.18 28.70 16.91
N LEU A 565 5.93 27.65 17.68
CA LEU A 565 4.84 27.65 18.64
C LEU A 565 5.31 27.44 20.05
N SER A 566 4.62 28.07 21.02
CA SER A 566 4.86 27.76 22.44
C SER A 566 4.57 26.31 22.62
N GLU A 567 5.34 25.67 23.50
CA GLU A 567 5.25 24.25 23.68
C GLU A 567 3.93 23.87 24.33
N GLU A 568 3.36 24.83 25.04
CA GLU A 568 2.06 24.68 25.64
C GLU A 568 1.00 24.54 24.56
N PHE A 569 0.98 25.50 23.65
CA PHE A 569 0.02 25.48 22.54
C PHE A 569 0.12 24.18 21.72
N THR A 570 1.38 23.79 21.46
CA THR A 570 1.71 22.58 20.75
C THR A 570 1.07 21.36 21.42
N LYS A 571 1.19 21.30 22.74
CA LYS A 571 0.58 20.19 23.45
C LYS A 571 -0.92 20.20 23.23
N GLY A 572 -1.51 21.37 23.20
CA GLY A 572 -2.90 21.47 22.83
C GLY A 572 -3.16 20.67 21.59
N LEU A 573 -2.43 20.99 20.54
CA LEU A 573 -2.70 20.44 19.25
C LEU A 573 -2.41 18.95 19.15
N ILE A 574 -1.51 18.45 19.98
CA ILE A 574 -1.24 17.06 20.07
C ILE A 574 -2.48 16.32 20.50
N ASP A 575 -3.11 16.78 21.58
CA ASP A 575 -4.30 16.15 22.13
C ASP A 575 -5.39 16.11 21.10
N GLN A 576 -5.53 17.16 20.31
CA GLN A 576 -6.53 17.10 19.25
C GLN A 576 -6.12 16.16 18.11
N ALA A 577 -4.86 16.20 17.69
CA ALA A 577 -4.42 15.25 16.65
C ALA A 577 -4.65 13.81 17.14
N ASN A 578 -4.12 13.46 18.30
CA ASN A 578 -4.36 12.15 18.91
C ASN A 578 -5.86 11.77 18.84
N ALA A 579 -6.73 12.70 19.16
CA ALA A 579 -8.16 12.43 19.16
C ALA A 579 -8.72 12.16 17.79
N MET A 580 -8.29 12.83 16.72
CA MET A 580 -8.73 12.44 15.36
C MET A 580 -8.07 11.13 14.90
N ILE A 581 -6.78 10.98 15.11
CA ILE A 581 -6.06 9.75 14.72
C ILE A 581 -6.69 8.52 15.43
N ALA A 582 -6.87 8.59 16.75
CA ALA A 582 -7.49 7.47 17.44
C ALA A 582 -8.87 7.02 16.95
N ASN A 583 -9.61 7.88 16.25
CA ASN A 583 -10.96 7.50 15.81
C ASN A 583 -11.06 6.92 14.46
N THR A 584 -9.95 6.77 13.76
CA THR A 584 -9.98 6.22 12.44
C THR A 584 -9.18 4.94 12.42
N THR A 585 -9.90 3.83 12.23
CA THR A 585 -9.25 2.53 12.19
C THR A 585 -9.66 1.76 10.96
N GLU A 586 -8.75 0.97 10.45
CA GLU A 586 -9.15 -0.01 9.45
C GLU A 586 -10.16 -0.99 10.06
N ARG A 587 -11.23 -1.26 9.33
CA ARG A 587 -12.20 -2.30 9.71
C ARG A 587 -11.95 -3.62 8.98
N LEU A 588 -12.61 -4.66 9.43
CA LEU A 588 -12.48 -6.00 8.84
C LEU A 588 -13.88 -6.51 8.64
N PHE A 589 -14.66 -6.51 9.69
CA PHE A 589 -16.04 -6.99 9.65
C PHE A 589 -17.09 -5.89 9.88
N THR A 590 -16.79 -4.93 10.75
CA THR A 590 -17.74 -3.85 11.12
C THR A 590 -17.51 -2.56 10.27
N ASP A 591 -18.31 -1.49 10.48
CA ASP A 591 -18.34 -0.27 9.59
C ASP A 591 -17.94 1.08 10.24
N HIS A 592 -17.94 2.15 9.41
CA HIS A 592 -17.97 3.56 9.85
C HIS A 592 -19.43 4.07 9.79
N SER A 593 -19.75 5.06 10.63
CA SER A 593 -21.10 5.68 10.75
C SER A 593 -22.17 5.20 9.73
N LEU A 602 -14.79 21.14 13.56
CA LEU A 602 -13.70 22.03 13.21
C LEU A 602 -12.91 22.48 14.44
N ASN A 603 -11.66 22.05 14.50
CA ASN A 603 -10.81 22.24 15.65
C ASN A 603 -9.87 23.43 15.50
N ASP A 604 -9.15 23.77 16.58
CA ASP A 604 -7.95 24.62 16.53
C ASP A 604 -6.97 24.13 15.47
N LEU A 605 -6.88 22.81 15.34
CA LEU A 605 -6.02 22.15 14.39
C LEU A 605 -6.47 22.38 12.98
N SER A 606 -7.76 22.13 12.72
CA SER A 606 -8.34 22.20 11.37
C SER A 606 -8.27 23.62 10.83
N LYS A 607 -8.39 24.59 11.73
CA LYS A 607 -8.25 26.01 11.39
C LYS A 607 -6.80 26.36 11.09
N MET A 608 -5.93 26.03 12.06
CA MET A 608 -4.48 26.20 11.97
C MET A 608 -3.81 25.48 10.76
N SER A 609 -4.05 24.18 10.58
CA SER A 609 -3.49 23.46 9.45
C SER A 609 -4.04 24.03 8.13
N GLY A 610 -5.30 24.46 8.20
CA GLY A 610 -6.08 24.81 7.02
C GLY A 610 -5.87 26.18 6.41
N ARG A 611 -5.43 27.15 7.22
CA ARG A 611 -5.24 28.53 6.75
C ARG A 611 -4.17 28.61 5.64
N THR A 612 -4.46 29.40 4.61
CA THR A 612 -3.62 29.51 3.40
C THR A 612 -2.33 30.29 3.76
N ASN A 613 -1.18 29.93 3.17
CA ASN A 613 0.11 30.23 3.82
C ASN A 613 1.35 29.94 2.99
N ALA A 614 2.46 30.52 3.43
CA ALA A 614 3.69 30.72 2.59
C ALA A 614 5.03 30.18 3.12
N SER A 615 5.08 29.72 4.36
CA SER A 615 6.31 29.17 4.88
C SER A 615 6.21 27.67 4.63
N THR A 616 6.14 27.31 3.35
CA THR A 616 6.08 25.92 2.92
C THR A 616 7.20 25.63 1.92
N THR A 617 7.64 24.40 1.95
CA THR A 617 8.72 23.95 1.16
C THR A 617 8.61 22.44 1.02
N THR A 618 9.23 21.93 -0.04
CA THR A 618 9.36 20.52 -0.26
C THR A 618 10.63 20.01 0.41
N GLU A 619 11.49 20.91 0.92
CA GLU A 619 12.77 20.49 1.46
C GLU A 619 12.75 20.52 2.98
N ILE A 620 12.70 19.36 3.59
CA ILE A 620 12.74 19.21 5.06
C ILE A 620 13.93 19.90 5.74
N LYS A 621 15.07 19.96 5.05
CA LYS A 621 16.25 20.65 5.59
C LYS A 621 15.98 22.14 5.76
N LEU A 622 15.23 22.72 4.83
CA LEU A 622 14.84 24.12 4.95
C LEU A 622 14.10 24.33 6.26
N VAL A 623 13.09 23.48 6.49
CA VAL A 623 12.25 23.63 7.65
C VAL A 623 13.04 23.44 8.93
N LYS A 624 13.96 22.49 8.95
CA LYS A 624 14.75 22.20 10.16
C LYS A 624 16.02 23.02 10.28
N GLU A 625 17.00 22.81 9.40
CA GLU A 625 18.33 23.44 9.59
C GLU A 625 18.20 24.92 9.42
N THR A 626 17.52 25.35 8.38
CA THR A 626 17.56 26.78 8.08
C THR A 626 16.61 27.64 8.93
N TRP A 627 15.32 27.26 8.99
CA TRP A 627 14.32 27.97 9.74
C TRP A 627 14.37 27.60 11.18
N ASP A 628 14.82 26.40 11.50
CA ASP A 628 14.82 25.89 12.90
C ASP A 628 13.42 25.87 13.52
N SER A 629 12.40 25.51 12.76
CA SER A 629 11.05 25.47 13.27
C SER A 629 10.93 24.33 14.29
N ASN A 630 10.30 24.64 15.41
CA ASN A 630 10.06 23.65 16.45
C ASN A 630 8.74 22.86 16.29
N VAL A 631 7.93 23.25 15.30
CA VAL A 631 6.70 22.52 14.92
C VAL A 631 6.63 22.50 13.39
N ILE A 632 6.49 21.32 12.82
CA ILE A 632 6.48 21.13 11.39
C ILE A 632 5.18 20.46 11.02
N PHE A 633 4.45 21.03 10.09
CA PHE A 633 3.35 20.34 9.48
C PHE A 633 3.81 19.68 8.17
N GLU A 634 3.80 18.35 8.18
CA GLU A 634 3.96 17.52 6.99
C GLU A 634 2.63 17.24 6.31
N MET A 635 2.51 17.70 5.06
CA MET A 635 1.26 17.65 4.33
C MET A 635 1.52 16.61 3.25
N LEU A 636 0.70 15.54 3.25
CA LEU A 636 0.70 14.51 2.19
C LEU A 636 -0.46 14.78 1.26
N ASP A 637 -0.11 14.89 -0.02
CA ASP A 637 -1.09 15.12 -1.10
C ASP A 637 -1.01 14.06 -2.22
N PRO A 638 -1.31 12.82 -1.88
CA PRO A 638 -1.23 11.75 -2.87
C PRO A 638 -2.19 12.01 -4.03
N ASP A 639 -3.35 12.59 -3.74
CA ASP A 639 -4.37 12.86 -4.74
C ASP A 639 -4.34 14.26 -5.34
N GLY A 640 -3.27 15.02 -5.06
CA GLY A 640 -3.08 16.33 -5.65
C GLY A 640 -4.22 17.31 -5.45
N LEU A 641 -4.76 17.37 -4.25
CA LEU A 641 -5.91 18.22 -3.98
C LEU A 641 -5.55 19.64 -3.56
N LEU A 642 -4.27 19.91 -3.36
CA LEU A 642 -3.81 21.21 -2.82
C LEU A 642 -3.33 22.14 -3.95
N HIS A 643 -4.07 23.23 -4.19
CA HIS A 643 -3.66 24.33 -5.10
C HIS A 643 -2.38 25.00 -4.58
N SER A 644 -1.21 24.64 -5.08
CA SER A 644 0.02 25.35 -4.66
C SER A 644 0.71 26.06 -5.80
N LYS A 645 1.63 26.95 -5.39
CA LYS A 645 2.22 27.99 -6.24
C LYS A 645 3.57 28.41 -5.63
N GLN A 646 4.63 28.47 -6.43
CA GLN A 646 6.01 28.73 -5.93
C GLN A 646 6.37 30.21 -5.74
N VAL A 647 6.73 30.61 -4.53
CA VAL A 647 7.22 31.98 -4.24
C VAL A 647 8.69 31.97 -3.77
N SER A 656 12.37 26.13 -4.10
CA SER A 656 12.22 25.63 -2.73
C SER A 656 10.88 26.06 -2.06
N GLU A 657 10.69 27.37 -1.81
CA GLU A 657 9.47 27.92 -1.17
C GLU A 657 8.17 27.84 -2.02
N PHE A 658 7.04 28.23 -1.44
CA PHE A 658 5.73 27.76 -1.92
C PHE A 658 4.65 28.43 -1.09
N SER A 659 3.48 28.56 -1.66
CA SER A 659 2.32 29.01 -0.90
C SER A 659 1.17 28.08 -1.23
N VAL A 660 0.35 27.74 -0.23
CA VAL A 660 -0.67 26.72 -0.40
C VAL A 660 -2.10 27.19 -0.11
N TYR A 661 -3.01 26.86 -1.02
CA TYR A 661 -4.43 27.13 -0.87
C TYR A 661 -5.19 25.80 -0.62
N LEU A 662 -6.10 25.80 0.34
CA LEU A 662 -6.98 24.67 0.57
C LEU A 662 -8.32 24.95 -0.06
N PRO A 663 -8.63 24.28 -1.17
CA PRO A 663 -10.02 24.27 -1.61
C PRO A 663 -11.00 24.06 -0.46
N GLU A 664 -12.12 24.76 -0.54
CA GLU A 664 -13.20 24.68 0.45
C GLU A 664 -13.57 23.24 0.83
N ASP A 665 -13.60 22.35 -0.15
CA ASP A 665 -14.06 20.99 0.04
C ASP A 665 -12.91 20.00 0.28
N VAL A 666 -11.72 20.54 0.52
CA VAL A 666 -10.53 19.75 0.88
C VAL A 666 -10.10 20.04 2.32
N ALA A 667 -9.85 18.99 3.10
CA ALA A 667 -9.44 19.16 4.50
C ALA A 667 -8.17 18.39 4.81
N LEU A 668 -7.33 18.95 5.68
CA LEU A 668 -6.13 18.25 6.12
C LEU A 668 -6.39 17.41 7.34
N VAL A 669 -6.49 16.10 7.18
CA VAL A 669 -6.78 15.25 8.32
C VAL A 669 -5.50 14.71 8.96
N PRO A 670 -5.32 14.94 10.27
CA PRO A 670 -4.17 14.33 10.92
C PRO A 670 -4.07 12.80 10.75
N VAL A 671 -2.83 12.34 10.56
CA VAL A 671 -2.46 10.96 10.42
C VAL A 671 -1.44 10.54 11.46
N LYS A 672 -0.60 11.44 11.95
CA LYS A 672 0.51 11.06 12.81
C LYS A 672 1.08 12.32 13.53
N VAL A 673 1.59 12.13 14.75
CA VAL A 673 2.30 13.15 15.45
C VAL A 673 3.53 12.54 16.02
N THR A 674 4.68 13.22 15.95
CA THR A 674 5.83 12.69 16.66
C THR A 674 6.86 13.71 17.06
N LEU A 675 7.72 13.30 18.01
CA LEU A 675 8.86 14.12 18.42
C LEU A 675 9.99 13.82 17.49
N ASP A 676 10.54 14.85 16.85
CA ASP A 676 11.62 14.60 15.92
C ASP A 676 12.84 15.35 16.35
N GLY A 677 13.40 14.94 17.48
CA GLY A 677 14.60 15.57 18.02
C GLY A 677 14.41 16.91 18.70
N LYS A 678 15.42 17.76 18.57
CA LYS A 678 15.36 19.13 19.08
C LYS A 678 15.82 20.13 18.05
N THR A 679 15.54 21.39 18.36
CA THR A 679 16.00 22.52 17.57
C THR A 679 17.44 22.81 17.98
N GLN A 680 18.08 23.76 17.32
CA GLN A 680 19.43 24.17 17.75
C GLN A 680 19.53 24.74 19.15
N LYS A 681 18.48 25.36 19.67
CA LYS A 681 18.52 25.82 21.07
C LYS A 681 18.36 24.70 22.03
N GLY A 682 17.66 23.63 21.62
CA GLY A 682 17.41 22.47 22.50
C GLY A 682 15.96 22.21 22.87
N GLU A 683 15.01 23.01 22.34
CA GLU A 683 13.59 22.72 22.43
C GLU A 683 13.12 21.51 21.58
N ASN A 684 12.28 20.69 22.18
CA ASN A 684 11.59 19.61 21.50
C ASN A 684 10.96 20.07 20.21
N ARG A 685 11.18 19.28 19.16
CA ARG A 685 10.62 19.57 17.85
C ARG A 685 9.59 18.50 17.50
N TYR A 686 8.39 18.95 17.13
CA TYR A 686 7.31 18.07 16.82
C TYR A 686 6.93 18.12 15.34
N VAL A 687 6.54 16.98 14.79
CA VAL A 687 6.06 16.92 13.45
C VAL A 687 4.65 16.39 13.42
N PHE A 688 3.74 17.16 12.86
CA PHE A 688 2.37 16.72 12.64
C PHE A 688 2.22 16.39 11.15
N THR A 689 1.72 15.21 10.85
CA THR A 689 1.61 14.75 9.48
C THR A 689 0.15 14.73 9.20
N PHE A 690 -0.24 15.30 8.08
CA PHE A 690 -1.63 15.35 7.69
C PHE A 690 -1.79 14.78 6.31
N VAL A 691 -3.01 14.37 6.00
CA VAL A 691 -3.28 14.00 4.62
C VAL A 691 -4.41 14.81 4.06
N ALA A 692 -4.23 15.28 2.82
CA ALA A 692 -5.24 16.05 2.11
C ALA A 692 -6.33 15.18 1.50
N VAL A 693 -7.57 15.48 1.89
CA VAL A 693 -8.77 14.70 1.54
C VAL A 693 -9.92 15.59 1.04
N LYS A 694 -10.65 15.10 0.04
CA LYS A 694 -11.70 15.86 -0.64
C LYS A 694 -13.07 15.34 -0.28
N SER A 695 -13.96 16.20 0.20
CA SER A 695 -15.31 15.75 0.52
C SER A 695 -16.34 16.88 0.55
N PRO A 696 -17.55 16.60 0.06
CA PRO A 696 -18.68 17.53 0.18
C PRO A 696 -18.91 17.96 1.62
N ASP A 697 -18.75 16.99 2.52
CA ASP A 697 -19.06 17.14 3.95
C ASP A 697 -18.30 18.27 4.61
N PHE A 698 -17.11 18.59 4.10
CA PHE A 698 -16.30 19.68 4.66
C PHE A 698 -16.96 21.06 4.55
N THR A 699 -17.27 21.48 3.33
CA THR A 699 -17.93 22.77 3.09
C THR A 699 -19.34 22.77 3.64
#